data_4I61
#
_entry.id   4I61
#
_cell.length_a   69.010
_cell.length_b   119.550
_cell.length_c   147.090
_cell.angle_alpha   90.00
_cell.angle_beta   90.00
_cell.angle_gamma   90.00
#
_symmetry.space_group_name_H-M   'C 2 2 21'
#
loop_
_entity.id
_entity.type
_entity.pdbx_description
1 polymer 'Propanediol utilization protein PduB'
2 water water
#
_entity_poly.entity_id   1
_entity_poly.type   'polypeptide(L)'
_entity_poly.pdbx_seq_one_letter_code
;MGSSHHHPPKSSGLVPRGSHMNDFLNSTSTVPEFVGASEIGDTIGMVIPRVDQQLLDKLHVTKQYKTLGILSDRTGAGPQ
IMAMDEGIKATNMECIDVEWPRDTKGGGGHGCLIIIGGDDPADARQAIRVALDNLHRTFGDVYNAKAGHLELQFTARAAG
AAHLGLGAVEGKAFGLICGCPSGIGVVMGDKALKTAGVEPLNFTSPSHGTSFSNEGCLTITGDSGAVRQAVMAGREVGLK
LLSQFGEEPVNDFPSYIK
;
_entity_poly.pdbx_strand_id   A,B,C
#
# COMPACT_ATOMS: atom_id res chain seq x y z
N VAL A 31 25.23 -12.62 14.84
CA VAL A 31 23.85 -13.14 15.15
C VAL A 31 23.69 -14.52 14.48
N PRO A 32 23.57 -15.59 15.28
CA PRO A 32 23.52 -16.95 14.79
C PRO A 32 22.36 -17.13 13.77
N GLU A 33 21.24 -16.41 13.99
CA GLU A 33 20.07 -16.50 13.08
C GLU A 33 20.34 -15.95 11.69
N PHE A 34 21.40 -15.16 11.52
CA PHE A 34 21.62 -14.50 10.21
C PHE A 34 22.25 -15.51 9.19
N VAL A 35 21.63 -15.66 8.01
CA VAL A 35 22.24 -16.58 7.01
C VAL A 35 22.89 -15.73 5.95
N GLY A 36 22.16 -14.79 5.36
CA GLY A 36 22.88 -13.91 4.37
C GLY A 36 22.00 -12.75 3.98
N ALA A 37 22.54 -11.75 3.25
CA ALA A 37 21.68 -10.65 2.82
C ALA A 37 22.21 -10.22 1.44
N SER A 38 21.31 -9.80 0.57
CA SER A 38 21.65 -9.55 -0.82
C SER A 38 21.12 -8.17 -1.17
N GLU A 39 21.92 -7.36 -1.90
CA GLU A 39 21.39 -6.09 -2.43
C GLU A 39 20.27 -6.38 -3.47
N ILE A 40 20.08 -7.64 -3.90
CA ILE A 40 19.09 -7.93 -4.93
C ILE A 40 17.78 -7.97 -4.18
N GLY A 41 16.97 -6.92 -4.37
CA GLY A 41 15.69 -6.83 -3.72
C GLY A 41 15.73 -6.44 -2.25
N ASP A 42 16.91 -6.07 -1.72
CA ASP A 42 17.15 -5.96 -0.26
C ASP A 42 16.56 -7.20 0.45
N THR A 43 17.07 -8.38 0.13
CA THR A 43 16.53 -9.65 0.63
C THR A 43 17.47 -10.19 1.70
N ILE A 44 16.92 -10.47 2.86
CA ILE A 44 17.65 -11.03 3.97
C ILE A 44 17.05 -12.42 4.30
N GLY A 45 17.97 -13.38 4.56
CA GLY A 45 17.60 -14.75 4.96
C GLY A 45 18.10 -15.07 6.34
N MET A 46 17.25 -15.68 7.16
CA MET A 46 17.54 -15.94 8.56
C MET A 46 16.96 -17.33 8.88
N VAL A 47 17.44 -17.96 9.97
CA VAL A 47 16.82 -19.25 10.43
C VAL A 47 16.70 -19.13 11.94
N ILE A 48 15.52 -19.46 12.47
CA ILE A 48 15.34 -19.54 13.90
C ILE A 48 15.34 -21.04 14.24
N PRO A 49 16.39 -21.51 14.89
CA PRO A 49 16.45 -22.96 15.11
C PRO A 49 15.29 -23.53 15.97
N ARG A 50 14.87 -22.79 16.99
CA ARG A 50 13.79 -23.28 17.84
C ARG A 50 12.94 -22.09 18.24
N VAL A 51 11.97 -21.75 17.38
CA VAL A 51 11.17 -20.52 17.61
C VAL A 51 10.39 -20.61 18.92
N ASP A 52 10.33 -19.47 19.63
CA ASP A 52 9.51 -19.37 20.81
C ASP A 52 8.05 -19.81 20.49
N GLN A 53 7.49 -20.74 21.29
CA GLN A 53 6.12 -21.25 20.99
C GLN A 53 5.03 -20.18 21.03
N GLN A 54 5.14 -19.19 21.94
CA GLN A 54 4.13 -18.13 21.95
C GLN A 54 4.20 -17.28 20.70
N LEU A 55 5.40 -17.04 20.19
CA LEU A 55 5.46 -16.36 18.88
C LEU A 55 4.89 -17.20 17.72
N LEU A 56 5.23 -18.50 17.73
CA LEU A 56 4.81 -19.39 16.64
C LEU A 56 3.30 -19.42 16.56
N ASP A 57 2.70 -19.40 17.76
CA ASP A 57 1.24 -19.45 17.92
C ASP A 57 0.54 -18.24 17.30
N LYS A 58 1.29 -17.17 17.10
CA LYS A 58 0.78 -15.95 16.51
C LYS A 58 1.15 -15.81 15.06
N LEU A 59 1.98 -16.69 14.53
CA LEU A 59 2.34 -16.61 13.10
C LEU A 59 1.31 -17.35 12.28
N HIS A 60 0.95 -16.81 11.12
CA HIS A 60 -0.07 -17.42 10.32
C HIS A 60 0.54 -18.47 9.38
N VAL A 61 0.87 -19.64 9.92
CA VAL A 61 1.54 -20.62 9.11
C VAL A 61 0.58 -21.76 8.79
N THR A 62 0.79 -22.45 7.69
CA THR A 62 -0.11 -23.55 7.30
C THR A 62 0.03 -24.76 8.25
N LYS A 63 1.22 -24.87 8.83
CA LYS A 63 1.52 -26.00 9.68
C LYS A 63 2.69 -25.56 10.55
N GLN A 64 2.57 -25.76 11.85
CA GLN A 64 3.68 -25.40 12.72
C GLN A 64 4.88 -26.34 12.66
N TYR A 65 6.08 -25.76 12.73
CA TYR A 65 7.34 -26.46 12.84
C TYR A 65 8.20 -25.68 13.83
N LYS A 66 9.14 -26.37 14.51
CA LYS A 66 10.00 -25.70 15.51
C LYS A 66 11.09 -24.88 14.88
N THR A 67 11.57 -25.35 13.74
CA THR A 67 12.64 -24.69 13.03
C THR A 67 12.09 -23.90 11.85
N LEU A 68 12.42 -22.60 11.78
CA LEU A 68 11.87 -21.82 10.70
C LEU A 68 12.97 -21.16 9.87
N GLY A 69 12.84 -21.15 8.54
CA GLY A 69 13.69 -20.25 7.73
C GLY A 69 12.84 -19.08 7.31
N ILE A 70 13.51 -17.93 7.14
CA ILE A 70 12.81 -16.72 6.87
C ILE A 70 13.51 -16.01 5.71
N LEU A 71 12.78 -15.76 4.64
CA LEU A 71 13.33 -14.95 3.51
C LEU A 71 12.41 -13.70 3.42
N SER A 72 13.02 -12.53 3.51
CA SER A 72 12.30 -11.27 3.67
C SER A 72 12.91 -10.22 2.80
N ASP A 73 12.11 -9.56 1.97
CA ASP A 73 12.71 -8.58 1.02
C ASP A 73 11.79 -7.35 0.85
N ARG A 74 12.39 -6.23 0.42
CA ARG A 74 11.69 -4.96 0.11
C ARG A 74 11.13 -4.97 -1.31
N THR A 75 11.90 -5.56 -2.25
CA THR A 75 11.54 -5.51 -3.64
C THR A 75 11.47 -6.90 -4.29
N GLY A 76 10.28 -7.27 -4.71
CA GLY A 76 10.02 -8.57 -5.35
C GLY A 76 9.18 -9.52 -4.51
N ALA A 77 8.31 -10.29 -5.17
CA ALA A 77 7.67 -11.40 -4.54
C ALA A 77 7.93 -12.62 -5.46
N GLY A 78 7.47 -12.57 -6.71
CA GLY A 78 7.78 -13.67 -7.68
C GLY A 78 9.23 -14.14 -7.66
N PRO A 79 10.22 -13.23 -7.79
CA PRO A 79 11.62 -13.70 -7.89
C PRO A 79 12.01 -14.50 -6.61
N GLN A 80 11.72 -13.95 -5.45
CA GLN A 80 12.05 -14.64 -4.16
C GLN A 80 11.26 -15.93 -4.00
N ILE A 81 10.00 -15.98 -4.44
CA ILE A 81 9.18 -17.17 -4.38
C ILE A 81 9.72 -18.32 -5.28
N MET A 82 10.09 -17.96 -6.51
CA MET A 82 10.72 -18.89 -7.44
C MET A 82 12.11 -19.30 -6.96
N ALA A 83 12.85 -18.39 -6.31
CA ALA A 83 14.19 -18.75 -5.74
C ALA A 83 13.92 -19.77 -4.58
N MET A 84 12.94 -19.46 -3.69
CA MET A 84 12.63 -20.37 -2.59
C MET A 84 12.18 -21.70 -3.13
N ASP A 85 11.50 -21.73 -4.29
CA ASP A 85 11.07 -23.04 -4.81
C ASP A 85 12.29 -23.96 -5.02
N GLU A 86 13.39 -23.39 -5.49
CA GLU A 86 14.64 -24.20 -5.70
C GLU A 86 15.20 -24.64 -4.36
N GLY A 87 15.11 -23.76 -3.36
CA GLY A 87 15.50 -24.18 -1.99
C GLY A 87 14.64 -25.30 -1.43
N ILE A 88 13.34 -25.31 -1.70
CA ILE A 88 12.47 -26.39 -1.24
C ILE A 88 12.85 -27.71 -1.99
N LYS A 89 13.09 -27.58 -3.30
CA LYS A 89 13.46 -28.77 -4.09
C LYS A 89 14.80 -29.36 -3.59
N ALA A 90 15.64 -28.51 -3.00
CA ALA A 90 16.97 -28.95 -2.61
C ALA A 90 17.04 -29.53 -1.19
N THR A 91 15.96 -29.41 -0.41
CA THR A 91 16.02 -29.69 1.02
C THR A 91 14.76 -30.39 1.47
N ASN A 92 14.58 -30.58 2.78
CA ASN A 92 13.32 -31.16 3.30
C ASN A 92 12.38 -30.12 3.88
N MET A 93 12.62 -28.86 3.60
CA MET A 93 11.83 -27.78 4.20
C MET A 93 10.50 -27.66 3.49
N GLU A 94 9.51 -27.16 4.25
CA GLU A 94 8.20 -26.94 3.64
C GLU A 94 7.83 -25.47 3.66
N CYS A 95 7.19 -25.01 2.58
CA CYS A 95 6.76 -23.58 2.55
C CYS A 95 5.50 -23.47 3.35
N ILE A 96 5.54 -22.69 4.43
CA ILE A 96 4.38 -22.59 5.34
C ILE A 96 3.70 -21.19 5.45
N ASP A 97 4.27 -20.18 4.78
CA ASP A 97 3.62 -18.88 4.78
C ASP A 97 4.25 -18.03 3.71
N VAL A 98 3.42 -17.39 2.88
CA VAL A 98 3.93 -16.34 2.02
C VAL A 98 3.13 -15.09 2.22
N GLU A 99 3.78 -14.01 2.68
CA GLU A 99 3.01 -12.77 2.93
C GLU A 99 3.45 -11.67 1.99
N TRP A 100 2.62 -10.64 1.91
CA TRP A 100 2.65 -9.75 0.73
C TRP A 100 2.67 -8.27 1.07
N PRO A 101 3.83 -7.76 1.45
CA PRO A 101 3.88 -6.30 1.60
C PRO A 101 3.72 -5.58 0.24
N ARG A 102 2.97 -4.48 0.27
CA ARG A 102 2.90 -3.61 -0.90
C ARG A 102 4.18 -2.76 -0.75
N ASP A 103 5.10 -2.88 -1.67
CA ASP A 103 6.44 -2.28 -1.41
C ASP A 103 7.22 -1.91 -2.71
N THR A 104 8.34 -2.60 -2.98
CA THR A 104 9.26 -2.13 -4.05
C THR A 104 9.75 -0.66 -3.90
N LYS A 105 9.70 -0.15 -2.68
CA LYS A 105 10.40 1.11 -2.31
C LYS A 105 9.87 2.27 -3.15
N GLY A 106 8.56 2.31 -3.39
CA GLY A 106 8.02 3.42 -4.22
C GLY A 106 7.57 2.95 -5.59
N GLY A 107 8.05 1.79 -6.07
CA GLY A 107 7.60 1.17 -7.32
C GLY A 107 6.22 0.57 -7.13
N GLY A 108 5.72 -0.13 -8.16
CA GLY A 108 4.33 -0.61 -8.22
C GLY A 108 3.97 -2.00 -7.66
N GLY A 109 4.97 -2.68 -7.10
CA GLY A 109 4.93 -4.11 -6.83
C GLY A 109 4.88 -4.46 -5.35
N HIS A 110 5.18 -5.73 -5.12
CA HIS A 110 5.24 -6.27 -3.76
C HIS A 110 6.67 -6.52 -3.27
N GLY A 111 6.83 -6.50 -1.94
CA GLY A 111 7.95 -7.12 -1.29
C GLY A 111 7.42 -8.51 -0.94
N CYS A 112 8.12 -9.20 -0.04
CA CYS A 112 7.70 -10.57 0.26
C CYS A 112 8.20 -11.05 1.60
N LEU A 113 7.41 -11.88 2.29
CA LEU A 113 7.90 -12.56 3.49
C LEU A 113 7.60 -14.01 3.25
N ILE A 114 8.63 -14.88 3.27
CA ILE A 114 8.41 -16.36 3.10
C ILE A 114 8.90 -17.06 4.34
N ILE A 115 8.04 -17.86 4.93
CA ILE A 115 8.47 -18.67 6.08
C ILE A 115 8.44 -20.14 5.61
N ILE A 116 9.55 -20.85 5.83
CA ILE A 116 9.64 -22.27 5.58
C ILE A 116 9.78 -22.96 6.94
N GLY A 117 9.39 -24.22 7.03
CA GLY A 117 9.35 -24.91 8.35
C GLY A 117 9.96 -26.32 8.17
N GLY A 118 10.74 -26.76 9.15
CA GLY A 118 11.34 -28.11 9.10
C GLY A 118 11.72 -28.51 10.54
N ASP A 119 12.44 -29.60 10.66
CA ASP A 119 12.93 -29.90 12.00
C ASP A 119 14.48 -29.86 12.13
N ASP A 120 15.19 -29.47 11.10
CA ASP A 120 16.66 -29.36 11.21
C ASP A 120 17.20 -27.99 10.81
N PRO A 121 17.81 -27.24 11.76
CA PRO A 121 18.26 -25.89 11.41
C PRO A 121 19.25 -25.91 10.26
N ALA A 122 20.07 -26.98 10.13
CA ALA A 122 20.95 -27.09 8.95
C ALA A 122 20.26 -27.09 7.58
N ASP A 123 19.21 -27.85 7.53
CA ASP A 123 18.34 -28.02 6.31
C ASP A 123 17.68 -26.66 6.04
N ALA A 124 17.16 -25.99 7.07
CA ALA A 124 16.71 -24.57 6.87
C ALA A 124 17.76 -23.60 6.32
N ARG A 125 18.95 -23.58 6.91
CA ARG A 125 19.97 -22.73 6.40
C ARG A 125 20.30 -23.02 4.91
N GLN A 126 20.34 -24.31 4.56
CA GLN A 126 20.64 -24.71 3.16
C GLN A 126 19.53 -24.22 2.20
N ALA A 127 18.28 -24.37 2.59
CA ALA A 127 17.19 -23.83 1.78
C ALA A 127 17.33 -22.31 1.56
N ILE A 128 17.64 -21.59 2.64
CA ILE A 128 17.72 -20.16 2.53
C ILE A 128 18.93 -19.79 1.62
N ARG A 129 20.05 -20.49 1.80
CA ARG A 129 21.25 -20.18 0.98
C ARG A 129 20.97 -20.43 -0.52
N VAL A 130 20.32 -21.56 -0.79
CA VAL A 130 19.95 -21.87 -2.17
C VAL A 130 19.02 -20.77 -2.70
N ALA A 131 18.04 -20.32 -1.91
CA ALA A 131 17.14 -19.24 -2.40
C ALA A 131 17.95 -17.98 -2.71
N LEU A 132 18.84 -17.60 -1.79
CA LEU A 132 19.65 -16.39 -2.02
C LEU A 132 20.51 -16.54 -3.29
N ASP A 133 21.02 -17.76 -3.51
N ASP A 133 21.05 -17.74 -3.54
CA ASP A 133 21.87 -18.04 -4.67
CA ASP A 133 21.92 -17.96 -4.72
C ASP A 133 21.11 -17.86 -5.99
C ASP A 133 21.13 -18.09 -6.04
N ASN A 134 19.79 -18.07 -5.94
CA ASN A 134 18.93 -18.06 -7.14
C ASN A 134 18.35 -16.69 -7.48
N LEU A 135 18.52 -15.68 -6.61
CA LEU A 135 17.98 -14.34 -6.93
C LEU A 135 18.46 -13.75 -8.25
N HIS A 136 19.79 -13.84 -8.54
CA HIS A 136 20.33 -13.27 -9.81
C HIS A 136 19.61 -13.95 -10.97
N ARG A 137 19.22 -15.22 -10.83
CA ARG A 137 18.47 -15.87 -11.92
C ARG A 137 17.01 -15.40 -12.03
N THR A 138 16.29 -15.42 -10.90
CA THR A 138 14.85 -15.17 -10.92
C THR A 138 14.52 -13.68 -11.10
N PHE A 139 15.52 -12.83 -11.01
CA PHE A 139 15.36 -11.41 -11.42
C PHE A 139 15.68 -11.23 -12.91
N GLY A 140 16.00 -12.33 -13.59
CA GLY A 140 16.51 -12.19 -14.98
C GLY A 140 15.48 -11.68 -15.98
N ASP A 141 14.21 -11.97 -15.69
CA ASP A 141 13.09 -11.43 -16.50
C ASP A 141 12.18 -10.48 -15.70
N VAL A 142 12.80 -9.67 -14.83
CA VAL A 142 12.17 -8.48 -14.27
C VAL A 142 12.72 -7.31 -15.08
N TYR A 143 11.85 -6.49 -15.67
CA TYR A 143 12.26 -5.38 -16.54
C TYR A 143 11.73 -4.10 -15.95
N ASN A 144 12.59 -3.14 -15.70
CA ASN A 144 12.20 -1.92 -14.97
C ASN A 144 12.32 -0.72 -15.90
N ALA A 145 11.46 0.27 -15.68
CA ALA A 145 11.51 1.55 -16.32
C ALA A 145 10.91 2.56 -15.31
N LYS A 146 11.02 3.85 -15.64
CA LYS A 146 10.51 4.88 -14.78
C LYS A 146 9.02 4.74 -14.58
N ALA A 147 8.31 4.32 -15.65
CA ALA A 147 6.87 4.24 -15.59
C ALA A 147 6.32 2.95 -14.96
N GLY A 148 7.10 1.88 -14.83
CA GLY A 148 6.44 0.65 -14.33
C GLY A 148 7.39 -0.50 -14.54
N HIS A 149 6.89 -1.74 -14.58
CA HIS A 149 7.85 -2.88 -14.72
C HIS A 149 7.12 -4.04 -15.25
N LEU A 150 7.86 -5.04 -15.77
CA LEU A 150 7.25 -6.32 -16.14
C LEU A 150 7.99 -7.36 -15.30
N GLU A 151 7.26 -8.44 -14.98
CA GLU A 151 7.85 -9.62 -14.38
C GLU A 151 7.42 -10.90 -15.10
N LEU A 152 8.37 -11.76 -15.47
CA LEU A 152 8.02 -13.06 -16.04
C LEU A 152 8.65 -14.17 -15.19
N GLN A 153 7.95 -15.26 -14.99
CA GLN A 153 8.64 -16.44 -14.37
C GLN A 153 8.26 -17.70 -15.11
N PHE A 154 9.14 -18.73 -15.07
CA PHE A 154 8.72 -19.99 -15.63
C PHE A 154 9.42 -21.14 -14.92
N THR A 155 8.70 -22.24 -14.72
CA THR A 155 9.39 -23.50 -14.35
C THR A 155 8.67 -24.64 -15.00
N ALA A 156 9.40 -25.70 -15.34
CA ALA A 156 8.75 -26.90 -15.84
C ALA A 156 8.12 -27.75 -14.75
N ARG A 157 8.50 -27.53 -13.48
CA ARG A 157 7.95 -28.32 -12.37
C ARG A 157 7.90 -27.46 -11.11
N ALA A 158 6.72 -26.90 -10.83
CA ALA A 158 6.57 -26.07 -9.65
C ALA A 158 6.70 -26.91 -8.38
N ALA A 159 7.25 -26.30 -7.33
CA ALA A 159 7.18 -26.94 -5.99
C ALA A 159 6.40 -26.13 -4.96
N GLY A 160 6.69 -26.30 -3.65
CA GLY A 160 5.72 -25.90 -2.62
C GLY A 160 5.67 -24.38 -2.42
N ALA A 161 6.76 -23.68 -2.72
CA ALA A 161 6.75 -22.22 -2.61
C ALA A 161 5.90 -21.60 -3.72
N ALA A 162 6.08 -22.12 -4.93
CA ALA A 162 5.25 -21.60 -6.01
C ALA A 162 3.78 -21.95 -5.81
N HIS A 163 3.48 -23.11 -5.23
CA HIS A 163 2.13 -23.54 -4.94
C HIS A 163 1.49 -22.64 -3.90
N LEU A 164 2.11 -22.55 -2.73
CA LEU A 164 1.49 -21.68 -1.67
C LEU A 164 1.45 -20.22 -2.03
N GLY A 165 2.50 -19.73 -2.62
CA GLY A 165 2.62 -18.28 -2.84
C GLY A 165 1.85 -17.76 -4.03
N LEU A 166 1.96 -18.51 -5.14
CA LEU A 166 1.40 -18.10 -6.45
C LEU A 166 0.32 -18.97 -7.00
N GLY A 167 -0.02 -20.07 -6.33
CA GLY A 167 -1.15 -20.89 -6.71
C GLY A 167 -0.74 -21.91 -7.78
N ALA A 168 0.57 -22.08 -7.99
CA ALA A 168 1.02 -23.06 -8.98
C ALA A 168 0.54 -24.45 -8.61
N VAL A 169 0.37 -25.32 -9.61
CA VAL A 169 0.06 -26.74 -9.38
C VAL A 169 1.43 -27.48 -9.28
N GLU A 170 1.70 -28.06 -8.10
CA GLU A 170 2.98 -28.74 -7.82
C GLU A 170 3.15 -29.87 -8.84
N GLY A 171 4.38 -29.98 -9.37
CA GLY A 171 4.79 -31.07 -10.27
C GLY A 171 4.53 -30.74 -11.73
N LYS A 172 3.88 -29.58 -11.95
CA LYS A 172 3.48 -29.23 -13.31
C LYS A 172 4.13 -27.92 -13.74
N ALA A 173 4.10 -27.66 -15.04
CA ALA A 173 4.75 -26.44 -15.50
C ALA A 173 3.92 -25.22 -14.99
N PHE A 174 4.61 -24.11 -14.91
CA PHE A 174 4.05 -22.87 -14.35
C PHE A 174 4.65 -21.66 -15.03
N GLY A 175 3.78 -20.71 -15.42
CA GLY A 175 4.27 -19.45 -15.94
C GLY A 175 3.57 -18.30 -15.18
N LEU A 176 4.33 -17.20 -15.04
CA LEU A 176 3.84 -15.98 -14.35
C LEU A 176 4.05 -14.86 -15.30
N ILE A 177 3.00 -14.07 -15.54
CA ILE A 177 3.13 -13.01 -16.58
C ILE A 177 2.54 -11.72 -16.03
N CYS A 178 3.41 -10.77 -15.69
CA CYS A 178 2.99 -9.60 -14.93
C CYS A 178 3.40 -8.28 -15.61
N GLY A 179 2.52 -7.28 -15.59
CA GLY A 179 2.90 -5.94 -16.09
C GLY A 179 2.39 -4.86 -15.12
N CYS A 180 3.11 -3.77 -15.04
CA CYS A 180 2.72 -2.63 -14.21
C CYS A 180 3.07 -1.38 -15.03
N PRO A 181 2.18 -0.35 -15.16
CA PRO A 181 0.83 -0.32 -14.53
C PRO A 181 -0.08 -1.47 -15.03
N SER A 182 -1.08 -1.81 -14.20
CA SER A 182 -1.67 -3.11 -14.30
C SER A 182 -2.38 -3.39 -15.64
N GLY A 183 -2.83 -2.35 -16.38
CA GLY A 183 -3.47 -2.60 -17.66
C GLY A 183 -2.53 -3.34 -18.60
N ILE A 184 -1.23 -3.12 -18.44
CA ILE A 184 -0.28 -3.72 -19.39
C ILE A 184 -0.35 -5.23 -19.14
N GLY A 185 -0.49 -5.62 -17.88
CA GLY A 185 -0.61 -7.06 -17.56
C GLY A 185 -1.86 -7.71 -18.16
N VAL A 186 -2.96 -6.95 -18.20
CA VAL A 186 -4.16 -7.47 -18.84
C VAL A 186 -3.88 -7.80 -20.32
N VAL A 187 -3.24 -6.89 -21.06
CA VAL A 187 -2.90 -7.17 -22.46
C VAL A 187 -1.87 -8.32 -22.61
N MET A 188 -0.86 -8.35 -21.74
CA MET A 188 0.11 -9.45 -21.74
C MET A 188 -0.57 -10.76 -21.56
N GLY A 189 -1.53 -10.76 -20.65
CA GLY A 189 -2.31 -12.01 -20.33
C GLY A 189 -3.13 -12.48 -21.54
N ASP A 190 -3.84 -11.54 -22.16
CA ASP A 190 -4.65 -11.83 -23.37
C ASP A 190 -3.73 -12.43 -24.46
N LYS A 191 -2.57 -11.80 -24.67
CA LYS A 191 -1.68 -12.24 -25.74
C LYS A 191 -1.14 -13.62 -25.45
N ALA A 192 -0.74 -13.83 -24.21
CA ALA A 192 -0.16 -15.11 -23.79
C ALA A 192 -1.20 -16.23 -24.02
N LEU A 193 -2.46 -15.98 -23.66
CA LEU A 193 -3.48 -17.04 -23.77
C LEU A 193 -3.77 -17.41 -25.23
N LYS A 194 -3.60 -16.44 -26.11
CA LYS A 194 -3.88 -16.64 -27.55
C LYS A 194 -2.69 -17.24 -28.29
N THR A 195 -1.53 -17.39 -27.60
CA THR A 195 -0.28 -17.90 -28.21
C THR A 195 -0.17 -19.45 -28.26
N ALA A 196 -0.81 -20.13 -27.28
CA ALA A 196 -0.75 -21.60 -27.19
C ALA A 196 -1.87 -21.98 -26.28
N GLY A 197 -2.19 -23.27 -26.21
CA GLY A 197 -3.32 -23.78 -25.43
C GLY A 197 -2.75 -24.02 -24.05
N VAL A 198 -2.72 -22.97 -23.25
CA VAL A 198 -2.23 -23.05 -21.87
C VAL A 198 -3.46 -22.86 -21.03
N GLU A 199 -3.38 -23.29 -19.76
CA GLU A 199 -4.50 -23.25 -18.90
C GLU A 199 -4.30 -22.05 -17.90
N PRO A 200 -5.29 -21.15 -17.83
CA PRO A 200 -5.13 -20.08 -16.84
C PRO A 200 -5.41 -20.56 -15.43
N LEU A 201 -4.56 -20.19 -14.48
CA LEU A 201 -4.82 -20.49 -13.05
C LEU A 201 -5.54 -19.30 -12.36
N ASN A 202 -4.97 -18.11 -12.42
N ASN A 202 -4.93 -18.13 -12.43
CA ASN A 202 -5.70 -16.95 -11.89
CA ASN A 202 -5.46 -16.94 -11.74
C ASN A 202 -5.27 -15.73 -12.64
C ASN A 202 -5.15 -15.69 -12.54
N PHE A 203 -5.99 -14.66 -12.41
CA PHE A 203 -5.64 -13.31 -12.87
C PHE A 203 -5.81 -12.37 -11.69
N THR A 204 -4.69 -11.86 -11.21
CA THR A 204 -4.71 -10.91 -10.04
C THR A 204 -4.48 -9.49 -10.54
N SER A 205 -5.03 -8.54 -9.76
CA SER A 205 -5.08 -7.17 -10.20
C SER A 205 -5.13 -6.28 -8.93
N PRO A 206 -5.17 -4.95 -9.13
CA PRO A 206 -4.96 -4.07 -7.95
C PRO A 206 -5.96 -4.30 -6.86
N SER A 207 -7.22 -4.57 -7.24
CA SER A 207 -8.28 -4.70 -6.24
C SER A 207 -8.63 -6.18 -5.96
N HIS A 208 -7.98 -7.16 -6.62
CA HIS A 208 -8.28 -8.56 -6.39
C HIS A 208 -7.05 -9.46 -6.44
N GLY A 209 -6.65 -9.93 -5.26
CA GLY A 209 -5.57 -10.89 -5.19
C GLY A 209 -4.15 -10.30 -5.12
N THR A 210 -4.06 -8.97 -4.94
CA THR A 210 -2.75 -8.29 -4.64
C THR A 210 -2.92 -7.40 -3.42
N SER A 211 -1.81 -6.84 -2.95
CA SER A 211 -1.90 -5.95 -1.82
C SER A 211 -2.05 -4.51 -2.34
N PHE A 212 -3.08 -4.30 -3.15
CA PHE A 212 -3.26 -3.03 -3.86
C PHE A 212 -2.02 -2.63 -4.63
N SER A 213 -1.41 -3.62 -5.34
CA SER A 213 -0.23 -3.27 -6.20
C SER A 213 -0.73 -2.66 -7.48
N ASN A 214 0.16 -2.17 -8.35
CA ASN A 214 -0.30 -1.72 -9.63
C ASN A 214 0.07 -2.79 -10.67
N GLU A 215 -0.18 -4.05 -10.37
CA GLU A 215 0.22 -5.17 -11.27
C GLU A 215 -1.03 -5.90 -11.75
N GLY A 216 -1.01 -6.30 -13.02
CA GLY A 216 -1.94 -7.25 -13.59
C GLY A 216 -1.11 -8.51 -13.90
N CYS A 217 -1.47 -9.64 -13.31
CA CYS A 217 -0.62 -10.85 -13.35
C CYS A 217 -1.47 -12.05 -13.74
N LEU A 218 -1.16 -12.68 -14.87
CA LEU A 218 -1.75 -13.97 -15.24
C LEU A 218 -0.82 -15.09 -14.83
N THR A 219 -1.34 -16.10 -14.16
CA THR A 219 -0.58 -17.34 -13.90
C THR A 219 -1.17 -18.51 -14.74
N ILE A 220 -0.30 -19.41 -15.20
CA ILE A 220 -0.77 -20.40 -16.14
C ILE A 220 -0.07 -21.74 -15.86
N THR A 221 -0.71 -22.80 -16.37
CA THR A 221 -0.08 -24.14 -16.41
C THR A 221 -0.34 -24.72 -17.78
N GLY A 222 0.04 -25.97 -17.97
CA GLY A 222 -0.08 -26.61 -19.27
C GLY A 222 1.22 -27.31 -19.61
N ASP A 223 1.41 -27.70 -20.86
CA ASP A 223 2.65 -28.37 -21.19
C ASP A 223 3.81 -27.40 -21.09
N SER A 224 5.01 -27.87 -20.65
CA SER A 224 6.10 -26.92 -20.43
C SER A 224 6.42 -26.07 -21.68
N GLY A 225 6.41 -26.66 -22.88
CA GLY A 225 6.85 -25.87 -24.06
C GLY A 225 5.87 -24.73 -24.36
N ALA A 226 4.60 -25.05 -24.22
CA ALA A 226 3.54 -24.09 -24.51
C ALA A 226 3.49 -22.99 -23.47
N VAL A 227 3.63 -23.41 -22.22
CA VAL A 227 3.74 -22.43 -21.11
C VAL A 227 4.87 -21.46 -21.40
N ARG A 228 6.06 -21.98 -21.78
CA ARG A 228 7.19 -21.11 -22.11
C ARG A 228 6.84 -20.19 -23.30
N GLN A 229 6.19 -20.75 -24.32
CA GLN A 229 5.78 -19.94 -25.53
C GLN A 229 4.94 -18.75 -25.07
N ALA A 230 3.96 -19.04 -24.23
CA ALA A 230 2.97 -18.05 -23.76
C ALA A 230 3.61 -16.99 -22.89
N VAL A 231 4.51 -17.38 -21.99
CA VAL A 231 5.31 -16.40 -21.20
C VAL A 231 6.15 -15.45 -22.05
N MET A 232 6.84 -16.01 -23.05
CA MET A 232 7.67 -15.24 -23.92
C MET A 232 6.82 -14.27 -24.78
N ALA A 233 5.63 -14.75 -25.24
CA ALA A 233 4.74 -13.86 -26.04
C ALA A 233 4.29 -12.70 -25.14
N GLY A 234 3.87 -13.03 -23.92
CA GLY A 234 3.48 -11.93 -22.94
C GLY A 234 4.62 -10.96 -22.68
N ARG A 235 5.84 -11.45 -22.50
CA ARG A 235 7.02 -10.57 -22.38
C ARG A 235 7.20 -9.59 -23.56
N GLU A 236 7.10 -10.12 -24.77
CA GLU A 236 7.36 -9.29 -25.94
C GLU A 236 6.32 -8.17 -26.01
N VAL A 237 5.04 -8.50 -25.78
CA VAL A 237 4.11 -7.39 -25.93
C VAL A 237 4.16 -6.44 -24.72
N GLY A 238 4.44 -6.96 -23.54
CA GLY A 238 4.73 -6.12 -22.36
C GLY A 238 5.84 -5.11 -22.61
N LEU A 239 6.98 -5.52 -23.20
CA LEU A 239 8.10 -4.62 -23.44
C LEU A 239 7.68 -3.52 -24.44
N LYS A 240 6.99 -3.91 -25.51
CA LYS A 240 6.49 -2.91 -26.44
C LYS A 240 5.56 -1.91 -25.80
N LEU A 241 4.60 -2.38 -25.01
CA LEU A 241 3.71 -1.43 -24.34
C LEU A 241 4.42 -0.51 -23.33
N LEU A 242 5.15 -1.10 -22.38
CA LEU A 242 5.83 -0.28 -21.37
C LEU A 242 6.81 0.74 -22.01
N SER A 243 7.44 0.37 -23.13
N SER A 243 7.44 0.36 -23.12
CA SER A 243 8.40 1.32 -23.80
CA SER A 243 8.38 1.28 -23.81
C SER A 243 7.72 2.53 -24.42
C SER A 243 7.72 2.57 -24.29
N GLN A 244 6.40 2.51 -24.47
CA GLN A 244 5.65 3.65 -25.01
C GLN A 244 5.74 4.86 -24.13
N PHE A 245 6.14 4.69 -22.86
CA PHE A 245 6.39 5.83 -21.99
C PHE A 245 7.73 6.52 -22.35
N GLY A 246 8.51 5.92 -23.27
CA GLY A 246 9.77 6.54 -23.74
C GLY A 246 11.07 5.94 -23.23
N GLU A 247 11.01 4.89 -22.42
CA GLU A 247 12.24 4.27 -21.91
C GLU A 247 12.20 2.77 -22.20
N GLU A 248 13.25 2.24 -22.82
CA GLU A 248 13.39 0.78 -22.90
C GLU A 248 13.45 0.09 -21.51
N PRO A 249 12.55 -0.87 -21.26
CA PRO A 249 12.65 -1.49 -19.94
C PRO A 249 13.90 -2.34 -19.90
N VAL A 250 14.62 -2.32 -18.78
N VAL A 250 14.52 -2.37 -18.72
CA VAL A 250 15.87 -3.08 -18.77
CA VAL A 250 15.85 -2.96 -18.61
C VAL A 250 15.89 -4.05 -17.61
C VAL A 250 15.86 -4.07 -17.56
N ASN A 251 16.49 -5.22 -17.83
CA ASN A 251 16.75 -6.20 -16.74
C ASN A 251 18.19 -6.02 -16.25
N ASP A 252 18.40 -6.20 -14.95
CA ASP A 252 19.73 -6.06 -14.38
C ASP A 252 20.51 -7.35 -14.39
N PHE A 253 19.88 -8.40 -14.86
CA PHE A 253 20.54 -9.70 -14.93
C PHE A 253 20.03 -10.37 -16.17
N PRO A 254 20.83 -11.25 -16.76
CA PRO A 254 20.38 -11.86 -18.01
C PRO A 254 19.12 -12.71 -17.94
N SER A 255 18.33 -12.57 -19.01
CA SER A 255 17.10 -13.29 -19.06
C SER A 255 17.33 -14.79 -18.85
N TYR A 256 16.42 -15.48 -18.17
CA TYR A 256 16.59 -16.94 -18.06
C TYR A 256 15.50 -17.73 -18.81
N ILE A 257 14.53 -16.99 -19.34
CA ILE A 257 13.41 -17.58 -20.05
C ILE A 257 13.66 -17.48 -21.58
N LYS A 258 14.06 -18.60 -22.17
CA LYS A 258 14.32 -18.71 -23.63
C LYS A 258 14.28 -20.14 -24.04
N VAL B 31 -6.32 29.71 9.64
CA VAL B 31 -7.38 28.64 9.75
C VAL B 31 -7.53 28.25 11.24
N PRO B 32 -8.69 28.55 11.85
CA PRO B 32 -8.93 28.33 13.31
C PRO B 32 -8.72 26.86 13.65
N GLU B 33 -8.99 25.96 12.70
CA GLU B 33 -8.78 24.55 12.98
C GLU B 33 -7.31 24.14 13.05
N PHE B 34 -6.36 24.94 12.57
CA PHE B 34 -5.01 24.47 12.61
C PHE B 34 -4.41 24.62 14.01
N VAL B 35 -3.75 23.61 14.51
CA VAL B 35 -3.07 23.71 15.79
C VAL B 35 -1.56 23.79 15.56
N GLY B 36 -1.03 22.91 14.76
CA GLY B 36 0.41 22.94 14.46
C GLY B 36 0.84 21.89 13.45
N ALA B 37 2.06 22.01 12.91
CA ALA B 37 2.59 21.04 11.95
C ALA B 37 4.02 20.78 12.34
N SER B 38 4.47 19.54 12.16
CA SER B 38 5.87 19.22 12.42
C SER B 38 6.53 18.60 11.19
N GLU B 39 7.81 18.91 10.95
CA GLU B 39 8.52 18.16 9.90
C GLU B 39 8.71 16.68 10.35
N ILE B 40 8.56 16.39 11.64
CA ILE B 40 8.78 15.01 12.15
C ILE B 40 7.54 14.21 11.71
N GLY B 41 7.78 13.32 10.75
CA GLY B 41 6.77 12.45 10.17
C GLY B 41 5.81 13.16 9.21
N ASP B 42 6.05 14.44 8.96
CA ASP B 42 5.07 15.36 8.28
C ASP B 42 3.73 15.20 9.02
N THR B 43 3.74 15.61 10.28
CA THR B 43 2.59 15.42 11.18
C THR B 43 1.88 16.74 11.36
N ILE B 44 0.58 16.74 11.10
CA ILE B 44 -0.25 17.92 11.29
C ILE B 44 -1.37 17.63 12.31
N GLY B 45 -1.58 18.61 13.21
CA GLY B 45 -2.64 18.53 14.24
C GLY B 45 -3.68 19.59 14.01
N MET B 46 -4.96 19.20 14.12
CA MET B 46 -6.06 20.16 13.93
C MET B 46 -7.16 19.83 14.94
N VAL B 47 -8.08 20.76 15.13
CA VAL B 47 -9.22 20.55 16.03
C VAL B 47 -10.45 21.12 15.33
N ILE B 48 -11.47 20.30 15.23
CA ILE B 48 -12.77 20.78 14.70
C ILE B 48 -13.64 21.00 15.94
N PRO B 49 -13.88 22.26 16.33
CA PRO B 49 -14.70 22.41 17.57
C PRO B 49 -16.14 21.78 17.56
N ARG B 50 -16.87 21.89 16.45
N ARG B 50 -16.79 21.84 16.40
CA ARG B 50 -18.23 21.31 16.34
CA ARG B 50 -18.18 21.41 16.24
C ARG B 50 -18.42 20.72 14.92
C ARG B 50 -18.39 20.74 14.87
N VAL B 51 -18.03 19.45 14.79
CA VAL B 51 -18.00 18.77 13.49
C VAL B 51 -19.43 18.67 12.95
N ASP B 52 -19.53 18.84 11.63
CA ASP B 52 -20.82 18.69 11.00
C ASP B 52 -21.39 17.28 11.27
N GLN B 53 -22.65 17.13 11.76
CA GLN B 53 -23.19 15.77 12.04
C GLN B 53 -23.24 14.81 10.87
N GLN B 54 -23.48 15.34 9.65
CA GLN B 54 -23.47 14.45 8.45
C GLN B 54 -22.06 13.88 8.22
N LEU B 55 -21.04 14.68 8.48
CA LEU B 55 -19.70 14.15 8.33
C LEU B 55 -19.39 13.12 9.41
N LEU B 56 -19.72 13.45 10.65
CA LEU B 56 -19.47 12.60 11.80
C LEU B 56 -20.19 11.21 11.60
N ASP B 57 -21.37 11.18 10.93
CA ASP B 57 -22.03 9.89 10.73
C ASP B 57 -21.31 9.03 9.68
N LYS B 58 -20.40 9.66 8.93
CA LYS B 58 -19.55 8.97 7.92
C LYS B 58 -18.16 8.60 8.44
N LEU B 59 -17.81 8.98 9.68
CA LEU B 59 -16.52 8.66 10.26
C LEU B 59 -16.66 7.39 11.10
N HIS B 60 -15.63 6.57 11.12
CA HIS B 60 -15.65 5.31 11.84
C HIS B 60 -14.98 5.52 13.18
N VAL B 61 -15.80 5.90 14.16
CA VAL B 61 -15.26 6.24 15.50
C VAL B 61 -15.85 5.26 16.55
N THR B 62 -15.12 5.07 17.65
CA THR B 62 -15.66 4.24 18.72
C THR B 62 -16.86 4.86 19.41
N LYS B 63 -16.91 6.19 19.44
CA LYS B 63 -18.01 6.92 20.09
C LYS B 63 -17.95 8.32 19.48
N GLN B 64 -19.13 8.81 19.12
CA GLN B 64 -19.27 10.16 18.54
C GLN B 64 -19.13 11.21 19.66
N TYR B 65 -18.40 12.26 19.33
CA TYR B 65 -18.29 13.47 20.13
C TYR B 65 -18.41 14.63 19.12
N LYS B 66 -18.80 15.82 19.58
CA LYS B 66 -18.94 16.98 18.66
C LYS B 66 -17.60 17.64 18.41
N THR B 67 -16.71 17.53 19.39
CA THR B 67 -15.40 18.16 19.24
C THR B 67 -14.35 17.13 18.88
N LEU B 68 -13.62 17.33 17.76
CA LEU B 68 -12.62 16.32 17.32
C LEU B 68 -11.24 16.91 17.28
N GLY B 69 -10.30 16.15 17.84
CA GLY B 69 -8.90 16.43 17.60
C GLY B 69 -8.42 15.50 16.52
N ILE B 70 -7.56 16.02 15.64
CA ILE B 70 -7.09 15.16 14.53
C ILE B 70 -5.59 15.20 14.45
N LEU B 71 -4.93 14.05 14.52
CA LEU B 71 -3.45 14.04 14.28
C LEU B 71 -3.15 13.18 13.06
N SER B 72 -2.41 13.74 12.08
CA SER B 72 -2.41 13.11 10.74
C SER B 72 -0.99 13.21 10.18
N ASP B 73 -0.43 12.06 9.77
CA ASP B 73 1.00 12.14 9.36
C ASP B 73 1.28 11.23 8.19
N ARG B 74 2.40 11.52 7.49
CA ARG B 74 2.80 10.65 6.40
C ARG B 74 3.72 9.50 6.88
N THR B 75 4.56 9.76 7.89
CA THR B 75 5.58 8.79 8.29
C THR B 75 5.48 8.49 9.75
N GLY B 76 5.05 7.25 10.07
CA GLY B 76 5.03 6.85 11.46
C GLY B 76 3.57 6.52 11.83
N ALA B 77 3.42 5.48 12.66
CA ALA B 77 2.17 5.23 13.30
C ALA B 77 2.41 5.07 14.80
N GLY B 78 3.19 4.05 15.19
CA GLY B 78 3.62 4.03 16.59
C GLY B 78 4.11 5.32 17.25
N PRO B 79 5.00 6.12 16.59
CA PRO B 79 5.45 7.29 17.35
C PRO B 79 4.30 8.25 17.64
N GLN B 80 3.43 8.47 16.65
CA GLN B 80 2.25 9.36 16.85
C GLN B 80 1.26 8.81 17.84
N ILE B 81 1.10 7.50 17.79
CA ILE B 81 0.17 6.84 18.73
C ILE B 81 0.68 7.02 20.16
N MET B 82 1.97 6.78 20.38
CA MET B 82 2.52 6.92 21.74
C MET B 82 2.56 8.38 22.16
N ALA B 83 2.84 9.30 21.21
CA ALA B 83 2.78 10.74 21.46
C ALA B 83 1.33 11.10 21.89
N MET B 84 0.31 10.59 21.18
CA MET B 84 -1.06 10.95 21.48
C MET B 84 -1.44 10.33 22.82
N ASP B 85 -0.89 9.17 23.16
CA ASP B 85 -1.08 8.61 24.50
C ASP B 85 -0.73 9.65 25.59
N GLU B 86 0.38 10.38 25.39
CA GLU B 86 0.68 11.43 26.38
C GLU B 86 -0.39 12.50 26.37
N GLY B 87 -0.89 12.84 25.17
CA GLY B 87 -1.97 13.83 25.05
C GLY B 87 -3.23 13.40 25.81
N ILE B 88 -3.60 12.11 25.71
CA ILE B 88 -4.79 11.59 26.41
C ILE B 88 -4.54 11.67 27.90
N LYS B 89 -3.34 11.27 28.34
CA LYS B 89 -3.05 11.31 29.80
C LYS B 89 -3.15 12.72 30.36
N ALA B 90 -2.87 13.73 29.50
CA ALA B 90 -2.79 15.13 29.89
C ALA B 90 -4.14 15.88 29.84
N THR B 91 -5.21 15.23 29.36
CA THR B 91 -6.47 15.91 29.03
C THR B 91 -7.63 15.02 29.34
N ASN B 92 -8.85 15.43 28.92
CA ASN B 92 -10.02 14.58 29.08
C ASN B 92 -10.48 14.01 27.75
N MET B 93 -9.63 14.07 26.75
CA MET B 93 -9.98 13.59 25.39
C MET B 93 -9.92 12.06 25.36
N GLU B 94 -10.75 11.47 24.51
CA GLU B 94 -10.84 10.01 24.37
C GLU B 94 -10.28 9.68 22.98
N CYS B 95 -9.51 8.59 22.84
CA CYS B 95 -9.08 8.22 21.47
C CYS B 95 -10.20 7.37 20.85
N ILE B 96 -10.77 7.85 19.74
CA ILE B 96 -11.92 7.22 19.08
C ILE B 96 -11.64 6.64 17.70
N ASP B 97 -10.46 6.88 17.09
CA ASP B 97 -10.20 6.18 15.80
C ASP B 97 -8.71 6.21 15.58
N VAL B 98 -8.15 5.10 15.14
CA VAL B 98 -6.80 5.11 14.66
C VAL B 98 -6.80 4.42 13.31
N GLU B 99 -6.35 5.15 12.25
CA GLU B 99 -6.40 4.57 10.93
C GLU B 99 -5.05 4.46 10.36
N TRP B 100 -4.93 3.65 9.29
CA TRP B 100 -3.56 3.13 8.94
C TRP B 100 -3.25 3.27 7.45
N PRO B 101 -2.78 4.47 7.02
CA PRO B 101 -2.26 4.52 5.67
C PRO B 101 -1.01 3.63 5.56
N ARG B 102 -0.85 2.99 4.40
CA ARG B 102 0.46 2.37 4.08
C ARG B 102 1.18 3.58 3.48
N ASP B 103 2.32 3.97 4.03
CA ASP B 103 2.91 5.20 3.58
C ASP B 103 4.40 5.25 3.92
N THR B 104 4.83 6.16 4.82
CA THR B 104 6.26 6.44 5.01
C THR B 104 6.96 6.87 3.72
N LYS B 105 6.20 7.41 2.77
CA LYS B 105 6.78 8.14 1.58
C LYS B 105 7.76 7.27 0.81
N GLY B 106 7.39 6.01 0.68
CA GLY B 106 8.16 5.03 -0.07
C GLY B 106 8.97 4.08 0.78
N GLY B 107 9.08 4.34 2.09
CA GLY B 107 9.59 3.32 3.02
C GLY B 107 8.58 2.22 3.26
N GLY B 108 8.83 1.30 4.22
CA GLY B 108 7.99 0.11 4.35
C GLY B 108 6.99 0.12 5.46
N GLY B 109 6.69 1.31 5.99
CA GLY B 109 5.82 1.42 7.12
C GLY B 109 4.45 2.09 6.87
N HIS B 110 3.93 2.59 7.98
CA HIS B 110 2.58 3.22 7.98
C HIS B 110 2.69 4.70 8.24
N GLY B 111 1.72 5.45 7.68
CA GLY B 111 1.40 6.79 8.22
C GLY B 111 0.31 6.55 9.27
N CYS B 112 -0.39 7.61 9.68
CA CYS B 112 -1.39 7.43 10.77
C CYS B 112 -2.43 8.49 10.69
N LEU B 113 -3.68 8.13 11.01
CA LEU B 113 -4.74 9.12 11.27
C LEU B 113 -5.26 8.81 12.59
N ILE B 114 -5.14 9.75 13.54
CA ILE B 114 -5.70 9.56 14.89
C ILE B 114 -6.80 10.59 15.15
N ILE B 115 -8.01 10.13 15.46
CA ILE B 115 -9.07 11.04 15.86
C ILE B 115 -9.35 10.90 17.38
N ILE B 116 -9.37 12.02 18.08
CA ILE B 116 -9.73 12.00 19.51
C ILE B 116 -11.00 12.82 19.63
N GLY B 117 -11.78 12.52 20.66
CA GLY B 117 -13.09 13.17 20.83
C GLY B 117 -13.29 13.64 22.23
N GLY B 118 -14.01 14.77 22.35
CA GLY B 118 -14.33 15.30 23.64
C GLY B 118 -15.38 16.38 23.52
N ASP B 119 -15.57 17.10 24.66
CA ASP B 119 -16.61 18.13 24.66
C ASP B 119 -16.07 19.56 24.66
N ASP B 120 -14.77 19.73 24.75
CA ASP B 120 -14.14 21.06 24.89
C ASP B 120 -13.05 21.31 23.86
N PRO B 121 -13.26 22.25 22.93
CA PRO B 121 -12.21 22.54 21.93
C PRO B 121 -10.85 22.89 22.55
N ALA B 122 -10.87 23.53 23.72
CA ALA B 122 -9.54 23.87 24.28
C ALA B 122 -8.79 22.60 24.73
N ASP B 123 -9.53 21.68 25.36
CA ASP B 123 -8.96 20.39 25.79
C ASP B 123 -8.44 19.59 24.58
N ALA B 124 -9.20 19.55 23.47
CA ALA B 124 -8.74 18.92 22.23
C ALA B 124 -7.45 19.57 21.71
N ARG B 125 -7.42 20.90 21.73
CA ARG B 125 -6.19 21.53 21.31
C ARG B 125 -4.97 21.20 22.19
N GLN B 126 -5.17 21.21 23.50
CA GLN B 126 -4.08 20.81 24.42
C GLN B 126 -3.57 19.37 24.19
N ALA B 127 -4.51 18.48 23.96
CA ALA B 127 -4.10 17.12 23.60
C ALA B 127 -3.24 17.06 22.34
N ILE B 128 -3.63 17.79 21.28
CA ILE B 128 -2.87 17.81 20.02
C ILE B 128 -1.50 18.45 20.26
N ARG B 129 -1.47 19.55 21.03
CA ARG B 129 -0.16 20.21 21.34
C ARG B 129 0.78 19.27 22.07
N VAL B 130 0.24 18.58 23.09
CA VAL B 130 1.08 17.61 23.88
C VAL B 130 1.60 16.50 22.94
N ALA B 131 0.72 16.00 22.06
CA ALA B 131 1.19 14.97 21.07
C ALA B 131 2.34 15.50 20.16
N LEU B 132 2.13 16.68 19.50
CA LEU B 132 3.18 17.29 18.69
C LEU B 132 4.46 17.42 19.51
N ASP B 133 4.36 17.82 20.78
CA ASP B 133 5.55 18.10 21.57
C ASP B 133 6.27 16.79 21.98
N ASN B 134 5.62 15.63 21.84
CA ASN B 134 6.24 14.35 22.17
C ASN B 134 6.82 13.64 20.96
N LEU B 135 6.63 14.19 19.77
CA LEU B 135 7.20 13.49 18.58
C LEU B 135 8.72 13.25 18.66
N HIS B 136 9.48 14.26 19.10
CA HIS B 136 10.95 14.12 19.12
C HIS B 136 11.31 12.96 20.06
N ARG B 137 10.49 12.74 21.10
CA ARG B 137 10.78 11.67 22.02
C ARG B 137 10.39 10.31 21.43
N THR B 138 9.17 10.21 20.87
CA THR B 138 8.70 8.93 20.41
C THR B 138 9.31 8.43 19.07
N PHE B 139 9.99 9.33 18.35
CA PHE B 139 10.93 8.93 17.27
C PHE B 139 12.36 8.54 17.71
N GLY B 140 12.61 8.55 19.02
CA GLY B 140 13.98 8.34 19.46
C GLY B 140 14.46 6.90 19.27
N ASP B 141 13.52 5.94 19.21
CA ASP B 141 13.93 4.56 18.90
C ASP B 141 13.35 4.09 17.59
N VAL B 142 13.32 5.03 16.63
CA VAL B 142 13.07 4.68 15.24
C VAL B 142 14.44 4.81 14.55
N TYR B 143 14.87 3.72 13.88
CA TYR B 143 16.22 3.63 13.31
C TYR B 143 16.07 3.36 11.83
N ASN B 144 16.63 4.26 10.99
CA ASN B 144 16.41 4.18 9.54
C ASN B 144 17.66 3.80 8.79
N ALA B 145 17.48 3.14 7.65
CA ALA B 145 18.60 2.74 6.81
C ALA B 145 17.98 2.65 5.42
N LYS B 146 18.82 2.60 4.41
CA LYS B 146 18.30 2.45 3.04
C LYS B 146 17.44 1.22 2.86
N ALA B 147 17.83 0.10 3.51
CA ALA B 147 17.12 -1.14 3.31
C ALA B 147 15.85 -1.26 4.11
N GLY B 148 15.63 -0.44 5.13
CA GLY B 148 14.53 -0.81 6.04
C GLY B 148 14.61 0.08 7.27
N HIS B 149 13.97 -0.33 8.36
CA HIS B 149 13.93 0.52 9.60
C HIS B 149 13.54 -0.36 10.76
N LEU B 150 13.80 0.08 11.99
CA LEU B 150 13.33 -0.63 13.22
C LEU B 150 12.48 0.39 13.97
N GLU B 151 11.52 -0.08 14.78
CA GLU B 151 10.87 0.86 15.63
C GLU B 151 10.67 0.17 16.96
N LEU B 152 11.02 0.87 18.04
CA LEU B 152 10.76 0.38 19.36
C LEU B 152 9.90 1.42 20.10
N GLN B 153 8.94 0.93 20.92
CA GLN B 153 8.24 1.83 21.88
C GLN B 153 8.16 1.20 23.26
N PHE B 154 8.07 2.03 24.30
CA PHE B 154 7.90 1.44 25.62
C PHE B 154 7.12 2.45 26.49
N THR B 155 6.23 1.95 27.35
CA THR B 155 5.66 2.79 28.39
C THR B 155 5.37 1.93 29.59
N ALA B 156 5.48 2.47 30.81
CA ALA B 156 5.16 1.68 32.00
C ALA B 156 3.65 1.68 32.27
N ARG B 157 2.91 2.61 31.66
CA ARG B 157 1.43 2.62 31.81
C ARG B 157 0.75 3.07 30.55
N ALA B 158 0.17 2.15 29.78
CA ALA B 158 -0.42 2.55 28.51
C ALA B 158 -1.73 3.26 28.76
N ALA B 159 -2.08 4.15 27.86
CA ALA B 159 -3.39 4.83 27.93
C ALA B 159 -4.26 4.52 26.72
N GLY B 160 -5.30 5.34 26.49
CA GLY B 160 -6.29 5.01 25.49
C GLY B 160 -5.88 4.93 24.03
N ALA B 161 -4.84 5.71 23.66
CA ALA B 161 -4.44 5.67 22.28
C ALA B 161 -3.63 4.41 22.02
N ALA B 162 -2.72 4.10 22.97
CA ALA B 162 -1.95 2.84 22.86
C ALA B 162 -2.93 1.64 22.89
N HIS B 163 -4.01 1.72 23.66
CA HIS B 163 -4.96 0.63 23.65
C HIS B 163 -5.66 0.52 22.27
N LEU B 164 -6.25 1.63 21.83
CA LEU B 164 -7.04 1.56 20.57
C LEU B 164 -6.16 1.29 19.37
N GLY B 165 -5.02 1.97 19.33
CA GLY B 165 -4.11 1.92 18.16
C GLY B 165 -3.32 0.63 18.09
N LEU B 166 -2.84 0.14 19.24
CA LEU B 166 -1.84 -0.90 19.25
C LEU B 166 -2.20 -2.06 20.11
N GLY B 167 -3.41 -2.05 20.71
CA GLY B 167 -3.79 -3.19 21.44
C GLY B 167 -3.20 -3.29 22.84
N ALA B 168 -2.57 -2.20 23.30
CA ALA B 168 -2.08 -2.16 24.70
C ALA B 168 -3.18 -2.36 25.73
N VAL B 169 -2.80 -2.90 26.90
CA VAL B 169 -3.75 -3.00 28.02
C VAL B 169 -3.64 -1.71 28.83
N GLU B 170 -4.70 -0.89 28.95
CA GLU B 170 -4.55 0.44 29.65
C GLU B 170 -4.10 0.23 31.08
N GLY B 171 -3.17 1.09 31.51
CA GLY B 171 -2.72 1.11 32.90
C GLY B 171 -1.61 0.12 33.18
N LYS B 172 -1.18 -0.62 32.14
CA LYS B 172 -0.13 -1.61 32.29
C LYS B 172 1.03 -1.29 31.36
N ALA B 173 2.13 -1.97 31.61
CA ALA B 173 3.32 -1.68 30.82
C ALA B 173 3.12 -2.21 29.37
N PHE B 174 3.80 -1.61 28.40
CA PHE B 174 3.60 -1.99 26.98
C PHE B 174 4.90 -1.81 26.26
N GLY B 175 5.24 -2.77 25.39
CA GLY B 175 6.34 -2.69 24.50
C GLY B 175 5.94 -2.97 23.06
N LEU B 176 6.58 -2.28 22.09
CA LEU B 176 6.33 -2.56 20.69
C LEU B 176 7.69 -2.82 20.11
N ILE B 177 7.82 -3.86 19.32
CA ILE B 177 9.15 -4.22 18.77
C ILE B 177 8.95 -4.56 17.31
N CYS B 178 9.46 -3.67 16.46
CA CYS B 178 9.08 -3.77 15.06
C CYS B 178 10.37 -3.72 14.16
N GLY B 179 10.39 -4.61 13.12
CA GLY B 179 11.46 -4.49 12.13
C GLY B 179 10.98 -4.61 10.69
N CYS B 180 11.72 -3.96 9.79
CA CYS B 180 11.43 -3.93 8.35
C CYS B 180 12.79 -4.04 7.60
N PRO B 181 12.92 -4.94 6.59
CA PRO B 181 11.81 -5.79 6.08
C PRO B 181 11.31 -6.83 7.16
N SER B 182 10.05 -7.29 6.99
CA SER B 182 9.32 -7.87 8.15
C SER B 182 10.01 -9.09 8.85
N GLY B 183 10.83 -9.84 8.10
CA GLY B 183 11.49 -11.00 8.65
C GLY B 183 12.40 -10.61 9.84
N ILE B 184 12.98 -9.40 9.81
CA ILE B 184 13.89 -8.88 10.90
C ILE B 184 12.96 -8.80 12.15
N GLY B 185 11.75 -8.29 11.94
CA GLY B 185 10.85 -8.21 13.08
C GLY B 185 10.48 -9.57 13.68
N VAL B 186 10.36 -10.60 12.85
CA VAL B 186 10.14 -11.93 13.42
C VAL B 186 11.30 -12.36 14.34
N VAL B 187 12.56 -12.18 13.89
CA VAL B 187 13.69 -12.56 14.76
C VAL B 187 13.78 -11.66 16.02
N MET B 188 13.52 -10.36 15.88
CA MET B 188 13.51 -9.41 17.00
C MET B 188 12.53 -9.91 18.04
N GLY B 189 11.38 -10.36 17.58
CA GLY B 189 10.38 -10.76 18.49
C GLY B 189 10.73 -12.08 19.21
N ASP B 190 11.33 -13.05 18.50
CA ASP B 190 11.74 -14.32 19.11
C ASP B 190 12.75 -13.96 20.22
N LYS B 191 13.69 -13.07 19.89
CA LYS B 191 14.74 -12.70 20.85
C LYS B 191 14.17 -12.01 22.10
N ALA B 192 13.26 -11.07 21.89
CA ALA B 192 12.55 -10.37 22.99
C ALA B 192 11.89 -11.36 23.92
N LEU B 193 11.14 -12.31 23.36
CA LEU B 193 10.44 -13.24 24.24
C LEU B 193 11.35 -14.14 25.03
N LYS B 194 12.55 -14.42 24.49
CA LYS B 194 13.50 -15.30 25.18
C LYS B 194 14.36 -14.52 26.17
N THR B 195 14.11 -13.21 26.34
CA THR B 195 14.94 -12.37 27.22
C THR B 195 14.32 -12.27 28.65
N ALA B 196 12.99 -12.29 28.77
CA ALA B 196 12.40 -12.14 30.06
C ALA B 196 11.00 -12.67 29.84
N GLY B 197 10.30 -12.95 30.94
CA GLY B 197 8.98 -13.57 30.89
C GLY B 197 7.98 -12.43 30.70
N VAL B 198 7.68 -12.13 29.45
CA VAL B 198 6.69 -11.09 29.08
C VAL B 198 5.51 -11.83 28.43
N GLU B 199 4.39 -11.13 28.30
CA GLU B 199 3.21 -11.70 27.71
C GLU B 199 2.99 -11.09 26.34
N PRO B 200 3.03 -11.92 25.30
CA PRO B 200 2.75 -11.33 23.99
C PRO B 200 1.30 -10.95 23.89
N LEU B 201 1.04 -9.82 23.27
CA LEU B 201 -0.35 -9.36 22.94
C LEU B 201 -0.70 -9.79 21.51
N ASN B 202 0.14 -9.43 20.55
N ASN B 202 0.09 -9.35 20.54
CA ASN B 202 -0.09 -9.80 19.17
CA ASN B 202 -0.19 -9.55 19.10
C ASN B 202 1.22 -9.80 18.38
C ASN B 202 1.15 -9.68 18.33
N PHE B 203 1.16 -10.39 17.20
CA PHE B 203 2.26 -10.22 16.21
C PHE B 203 1.61 -9.83 14.88
N THR B 204 1.96 -8.66 14.36
CA THR B 204 1.38 -8.28 13.07
C THR B 204 2.45 -8.42 12.02
N SER B 205 1.99 -8.57 10.81
CA SER B 205 2.87 -8.88 9.72
C SER B 205 2.27 -8.36 8.40
N PRO B 206 3.01 -8.53 7.29
CA PRO B 206 2.49 -7.90 6.07
C PRO B 206 1.10 -8.35 5.66
N SER B 207 0.70 -9.63 5.83
CA SER B 207 -0.66 -10.04 5.40
C SER B 207 -1.64 -10.19 6.59
N HIS B 208 -1.21 -9.82 7.81
CA HIS B 208 -2.07 -9.94 9.00
C HIS B 208 -1.84 -8.78 9.96
N GLY B 209 -2.81 -7.88 9.96
CA GLY B 209 -2.85 -6.86 10.96
C GLY B 209 -2.06 -5.58 10.66
N THR B 210 -1.62 -5.48 9.41
CA THR B 210 -0.98 -4.24 8.89
C THR B 210 -1.65 -3.85 7.59
N SER B 211 -1.29 -2.65 7.13
CA SER B 211 -1.77 -2.21 5.80
C SER B 211 -0.87 -2.68 4.67
N PHE B 212 -0.59 -3.96 4.66
CA PHE B 212 0.37 -4.56 3.72
C PHE B 212 1.71 -3.85 3.85
N SER B 213 2.05 -3.57 5.12
CA SER B 213 3.36 -2.97 5.40
C SER B 213 4.49 -4.01 5.27
N ASN B 214 5.74 -3.56 5.24
CA ASN B 214 6.83 -4.54 5.30
C ASN B 214 7.39 -4.68 6.71
N GLU B 215 6.49 -4.78 7.69
CA GLU B 215 6.96 -4.75 9.08
C GLU B 215 6.51 -6.02 9.77
N GLY B 216 7.35 -6.52 10.68
CA GLY B 216 6.93 -7.63 11.57
C GLY B 216 7.01 -7.00 12.95
N CYS B 217 5.89 -6.95 13.65
CA CYS B 217 5.82 -6.19 14.93
C CYS B 217 5.29 -7.06 16.05
N LEU B 218 6.08 -7.23 17.11
CA LEU B 218 5.58 -7.90 18.32
C LEU B 218 5.13 -6.84 19.35
N THR B 219 3.94 -7.00 19.95
CA THR B 219 3.57 -6.14 21.09
C THR B 219 3.48 -7.04 22.37
N ILE B 220 3.86 -6.49 23.51
CA ILE B 220 3.96 -7.27 24.72
C ILE B 220 3.47 -6.43 25.90
N THR B 221 2.99 -7.13 26.91
CA THR B 221 2.82 -6.50 28.24
C THR B 221 3.54 -7.39 29.30
N GLY B 222 3.35 -7.10 30.59
CA GLY B 222 4.12 -7.79 31.68
C GLY B 222 4.62 -6.77 32.67
N ASP B 223 5.50 -7.16 33.59
CA ASP B 223 6.13 -6.17 34.45
C ASP B 223 6.90 -5.16 33.66
N SER B 224 6.89 -3.88 34.08
CA SER B 224 7.62 -2.87 33.33
C SER B 224 9.11 -3.17 33.15
N GLY B 225 9.79 -3.73 34.16
CA GLY B 225 11.23 -4.01 33.98
C GLY B 225 11.45 -5.10 32.94
N ALA B 226 10.61 -6.13 32.94
CA ALA B 226 10.79 -7.25 32.00
C ALA B 226 10.46 -6.74 30.61
N VAL B 227 9.41 -5.93 30.51
CA VAL B 227 9.05 -5.38 29.18
C VAL B 227 10.19 -4.58 28.59
N ARG B 228 10.76 -3.66 29.38
N ARG B 228 10.76 -3.66 29.38
CA ARG B 228 11.91 -2.85 28.89
CA ARG B 228 11.95 -2.86 28.93
C ARG B 228 13.11 -3.75 28.49
C ARG B 228 13.08 -3.79 28.46
N GLN B 229 13.40 -4.78 29.29
CA GLN B 229 14.44 -5.75 28.92
C GLN B 229 14.18 -6.37 27.55
N ALA B 230 12.95 -6.77 27.32
CA ALA B 230 12.57 -7.47 26.06
C ALA B 230 12.72 -6.53 24.89
N VAL B 231 12.29 -5.28 25.08
CA VAL B 231 12.29 -4.29 23.96
C VAL B 231 13.74 -3.97 23.62
N MET B 232 14.57 -3.80 24.64
CA MET B 232 15.99 -3.46 24.41
C MET B 232 16.75 -4.61 23.67
N ALA B 233 16.45 -5.85 24.04
CA ALA B 233 17.09 -7.00 23.39
C ALA B 233 16.60 -7.13 21.95
N GLY B 234 15.29 -6.89 21.73
CA GLY B 234 14.79 -6.81 20.30
C GLY B 234 15.49 -5.74 19.50
N ARG B 235 15.71 -4.55 20.11
CA ARG B 235 16.44 -3.48 19.42
C ARG B 235 17.82 -3.94 19.02
N GLU B 236 18.53 -4.58 19.94
CA GLU B 236 19.89 -4.95 19.72
C GLU B 236 19.99 -5.91 18.55
N VAL B 237 19.14 -6.95 18.57
CA VAL B 237 19.32 -7.94 17.46
C VAL B 237 18.85 -7.30 16.12
N GLY B 238 17.76 -6.47 16.17
CA GLY B 238 17.31 -5.78 14.92
C GLY B 238 18.41 -4.91 14.31
N LEU B 239 19.12 -4.16 15.15
CA LEU B 239 20.24 -3.27 14.63
C LEU B 239 21.30 -4.13 13.94
N LYS B 240 21.64 -5.26 14.56
CA LYS B 240 22.65 -6.15 14.02
C LYS B 240 22.20 -6.73 12.69
N LEU B 241 20.95 -7.19 12.64
CA LEU B 241 20.40 -7.74 11.42
C LEU B 241 20.30 -6.69 10.25
N LEU B 242 19.71 -5.52 10.53
CA LEU B 242 19.48 -4.50 9.50
C LEU B 242 20.82 -3.95 8.98
N SER B 243 21.83 -3.91 9.86
N SER B 243 21.81 -3.89 9.89
CA SER B 243 23.16 -3.42 9.46
CA SER B 243 23.16 -3.43 9.51
C SER B 243 23.87 -4.36 8.50
C SER B 243 23.77 -4.30 8.43
N GLN B 244 23.35 -5.57 8.30
CA GLN B 244 23.97 -6.50 7.33
C GLN B 244 23.79 -6.04 5.90
N PHE B 245 22.83 -5.14 5.64
CA PHE B 245 22.75 -4.50 4.33
C PHE B 245 23.85 -3.51 4.04
N GLY B 246 24.66 -3.21 5.05
CA GLY B 246 25.87 -2.39 4.87
C GLY B 246 25.80 -0.94 5.39
N GLU B 247 24.69 -0.56 6.02
CA GLU B 247 24.59 0.81 6.60
C GLU B 247 24.14 0.70 8.07
N GLU B 248 24.80 1.41 8.97
CA GLU B 248 24.33 1.48 10.35
C GLU B 248 22.96 2.18 10.39
N PRO B 249 21.96 1.57 11.06
CA PRO B 249 20.67 2.22 11.15
C PRO B 249 20.79 3.42 12.11
N VAL B 250 20.24 4.57 11.70
N VAL B 250 20.24 4.58 11.75
CA VAL B 250 20.36 5.85 12.44
CA VAL B 250 20.39 5.74 12.63
C VAL B 250 19.03 6.32 13.05
C VAL B 250 19.06 6.27 13.09
N ASN B 251 19.03 6.73 14.34
CA ASN B 251 17.88 7.52 14.87
C ASN B 251 18.20 9.02 14.75
N ASP B 252 17.19 9.80 14.41
CA ASP B 252 17.41 11.23 14.22
C ASP B 252 17.24 12.00 15.55
N PHE B 253 16.89 11.30 16.65
CA PHE B 253 16.67 11.93 17.95
C PHE B 253 17.17 10.93 18.94
N PRO B 254 17.62 11.41 20.10
CA PRO B 254 18.17 10.54 21.18
C PRO B 254 17.18 9.41 21.54
N SER B 255 17.68 8.17 21.73
CA SER B 255 16.91 7.03 22.27
C SER B 255 16.25 7.39 23.59
N TYR B 256 14.99 7.01 23.76
CA TYR B 256 14.37 7.21 25.11
C TYR B 256 14.26 5.95 25.96
N ILE B 257 14.54 4.80 25.34
N ILE B 257 14.53 4.79 25.36
CA ILE B 257 14.45 3.53 26.00
CA ILE B 257 14.41 3.56 26.11
C ILE B 257 15.91 3.13 26.41
C ILE B 257 15.83 3.14 26.59
N VAL C 31 1.92 -2.45 -31.69
CA VAL C 31 0.92 -3.27 -30.93
C VAL C 31 -0.46 -2.68 -31.26
N PRO C 32 -1.30 -3.42 -31.98
CA PRO C 32 -2.65 -2.93 -32.30
C PRO C 32 -3.47 -2.52 -31.06
N GLU C 33 -3.27 -3.22 -29.94
CA GLU C 33 -3.96 -2.85 -28.69
C GLU C 33 -3.57 -1.48 -28.14
N PHE C 34 -2.43 -0.92 -28.53
CA PHE C 34 -2.06 0.37 -27.98
C PHE C 34 -2.85 1.56 -28.55
N VAL C 35 -3.38 2.42 -27.70
CA VAL C 35 -4.02 3.65 -28.14
C VAL C 35 -3.19 4.86 -27.86
N GLY C 36 -2.75 5.05 -26.65
CA GLY C 36 -1.92 6.21 -26.34
C GLY C 36 -1.31 6.08 -24.95
N ALA C 37 -0.23 6.82 -24.69
CA ALA C 37 0.41 6.90 -23.34
C ALA C 37 0.71 8.37 -23.02
N SER C 38 0.44 8.80 -21.79
CA SER C 38 0.65 10.16 -21.38
C SER C 38 1.57 10.18 -20.19
N GLU C 39 2.38 11.19 -20.14
CA GLU C 39 3.22 11.32 -18.96
C GLU C 39 2.47 11.90 -17.76
N ILE C 40 1.29 12.39 -18.03
CA ILE C 40 0.40 12.79 -16.94
C ILE C 40 -0.17 11.55 -16.23
N GLY C 41 0.33 11.31 -15.01
CA GLY C 41 -0.08 10.16 -14.24
C GLY C 41 0.60 8.86 -14.63
N ASP C 42 1.48 8.89 -15.65
CA ASP C 42 2.00 7.70 -16.31
C ASP C 42 0.78 6.88 -16.69
N THR C 43 -0.04 7.46 -17.56
CA THR C 43 -1.31 6.84 -17.97
C THR C 43 -1.19 6.26 -19.36
N ILE C 44 -1.61 4.98 -19.47
CA ILE C 44 -1.58 4.31 -20.80
C ILE C 44 -2.97 3.79 -21.09
N GLY C 45 -3.35 3.91 -22.35
CA GLY C 45 -4.74 3.57 -22.77
C GLY C 45 -4.66 2.49 -23.87
N MET C 46 -5.40 1.39 -23.70
CA MET C 46 -5.33 0.27 -24.65
C MET C 46 -6.73 -0.26 -24.97
N VAL C 47 -6.88 -1.00 -26.07
CA VAL C 47 -8.20 -1.61 -26.39
C VAL C 47 -7.91 -3.05 -26.80
N ILE C 48 -8.64 -3.99 -26.22
CA ILE C 48 -8.58 -5.39 -26.63
C ILE C 48 -9.87 -5.64 -27.45
N PRO C 49 -9.75 -5.75 -28.79
CA PRO C 49 -10.99 -5.90 -29.57
C PRO C 49 -11.87 -7.13 -29.24
N ARG C 50 -11.24 -8.24 -28.85
CA ARG C 50 -11.94 -9.45 -28.60
C ARG C 50 -11.18 -10.21 -27.54
N VAL C 51 -11.41 -9.82 -26.29
CA VAL C 51 -10.65 -10.41 -25.16
C VAL C 51 -10.86 -11.93 -25.08
N ASP C 52 -9.80 -12.64 -24.74
CA ASP C 52 -9.93 -14.08 -24.55
C ASP C 52 -10.97 -14.40 -23.48
N GLN C 53 -11.86 -15.35 -23.77
CA GLN C 53 -12.99 -15.60 -22.91
C GLN C 53 -12.51 -16.17 -21.55
N GLN C 54 -11.44 -16.96 -21.54
CA GLN C 54 -10.95 -17.50 -20.28
C GLN C 54 -10.43 -16.42 -19.35
N LEU C 55 -9.79 -15.44 -19.93
CA LEU C 55 -9.36 -14.27 -19.17
C LEU C 55 -10.50 -13.42 -18.70
N LEU C 56 -11.48 -13.15 -19.58
CA LEU C 56 -12.62 -12.30 -19.23
C LEU C 56 -13.35 -12.92 -18.03
N ASP C 57 -13.43 -14.27 -18.01
CA ASP C 57 -14.10 -14.97 -16.89
C ASP C 57 -13.39 -14.72 -15.53
N LYS C 58 -12.10 -14.41 -15.61
CA LYS C 58 -11.33 -14.11 -14.39
C LYS C 58 -11.30 -12.61 -14.09
N LEU C 59 -11.76 -11.75 -15.01
CA LEU C 59 -11.77 -10.32 -14.70
C LEU C 59 -12.96 -9.92 -13.81
N HIS C 60 -12.72 -9.01 -12.86
CA HIS C 60 -13.79 -8.60 -11.96
C HIS C 60 -14.58 -7.44 -12.56
N VAL C 61 -15.45 -7.79 -13.49
CA VAL C 61 -16.26 -6.78 -14.20
C VAL C 61 -17.76 -6.95 -13.84
N THR C 62 -18.47 -5.84 -13.85
CA THR C 62 -19.90 -5.87 -13.64
C THR C 62 -20.72 -6.58 -14.72
N LYS C 63 -20.19 -6.62 -15.95
CA LYS C 63 -20.87 -7.14 -17.13
C LYS C 63 -19.81 -7.53 -18.11
N GLN C 64 -19.94 -8.73 -18.64
CA GLN C 64 -19.06 -9.15 -19.73
C GLN C 64 -19.41 -8.47 -21.08
N TYR C 65 -18.37 -7.91 -21.68
CA TYR C 65 -18.37 -7.53 -23.08
C TYR C 65 -17.20 -8.13 -23.80
N LYS C 66 -17.40 -8.42 -25.08
CA LYS C 66 -16.30 -8.93 -25.94
C LYS C 66 -15.15 -7.93 -26.12
N THR C 67 -15.45 -6.63 -26.19
CA THR C 67 -14.42 -5.63 -26.46
C THR C 67 -14.14 -4.78 -25.20
N LEU C 68 -12.86 -4.68 -24.80
CA LEU C 68 -12.52 -3.94 -23.57
C LEU C 68 -11.66 -2.72 -23.91
N GLY C 69 -11.93 -1.60 -23.25
CA GLY C 69 -10.98 -0.50 -23.24
C GLY C 69 -10.37 -0.51 -21.86
N ILE C 70 -9.05 -0.18 -21.80
CA ILE C 70 -8.32 -0.25 -20.53
C ILE C 70 -7.61 1.07 -20.37
N LEU C 71 -7.85 1.76 -19.24
CA LEU C 71 -7.03 2.95 -18.92
C LEU C 71 -6.32 2.70 -17.58
N SER C 72 -4.98 2.83 -17.57
CA SER C 72 -4.20 2.35 -16.42
C SER C 72 -3.12 3.36 -16.09
N ASP C 73 -2.93 3.70 -14.81
CA ASP C 73 -1.93 4.70 -14.47
C ASP C 73 -1.31 4.48 -13.12
N ARG C 74 -0.13 5.07 -12.94
CA ARG C 74 0.63 5.06 -11.67
C ARG C 74 0.14 6.10 -10.70
N THR C 75 -0.17 7.28 -11.18
CA THR C 75 -0.53 8.37 -10.30
C THR C 75 -1.88 8.95 -10.68
N GLY C 76 -2.81 8.74 -9.75
CA GLY C 76 -4.16 9.37 -9.81
C GLY C 76 -5.24 8.33 -9.96
N ALA C 77 -6.37 8.63 -9.34
CA ALA C 77 -7.55 7.81 -9.59
C ALA C 77 -8.68 8.74 -9.98
N GLY C 78 -9.00 9.72 -9.11
CA GLY C 78 -10.06 10.70 -9.45
C GLY C 78 -9.84 11.37 -10.82
N PRO C 79 -8.60 11.80 -11.15
CA PRO C 79 -8.51 12.48 -12.45
C PRO C 79 -8.76 11.55 -13.66
N GLN C 80 -8.36 10.29 -13.58
CA GLN C 80 -8.59 9.31 -14.68
C GLN C 80 -10.02 8.92 -14.74
N ILE C 81 -10.63 8.81 -13.57
CA ILE C 81 -12.08 8.42 -13.55
C ILE C 81 -12.95 9.54 -14.16
N MET C 82 -12.65 10.77 -13.79
CA MET C 82 -13.40 11.91 -14.34
C MET C 82 -13.12 12.07 -15.82
N ALA C 83 -11.86 11.87 -16.26
CA ALA C 83 -11.55 11.91 -17.68
C ALA C 83 -12.31 10.78 -18.42
N MET C 84 -12.32 9.56 -17.84
CA MET C 84 -13.12 8.47 -18.47
C MET C 84 -14.60 8.77 -18.50
N ASP C 85 -15.13 9.48 -17.50
CA ASP C 85 -16.51 9.88 -17.55
C ASP C 85 -16.79 10.61 -18.88
N GLU C 86 -15.85 11.46 -19.34
CA GLU C 86 -16.12 12.17 -20.59
C GLU C 86 -16.01 11.24 -21.80
N GLY C 87 -15.18 10.18 -21.66
CA GLY C 87 -15.05 9.19 -22.73
C GLY C 87 -16.38 8.46 -22.79
N ILE C 88 -16.97 8.11 -21.62
CA ILE C 88 -18.27 7.43 -21.58
C ILE C 88 -19.37 8.28 -22.23
N LYS C 89 -19.38 9.55 -21.86
CA LYS C 89 -20.40 10.45 -22.39
C LYS C 89 -20.33 10.59 -23.93
N ALA C 90 -19.14 10.39 -24.46
CA ALA C 90 -18.85 10.53 -25.88
C ALA C 90 -19.16 9.28 -26.70
N THR C 91 -19.40 8.15 -26.05
CA THR C 91 -19.43 6.87 -26.76
C THR C 91 -20.54 5.99 -26.21
N ASN C 92 -20.55 4.75 -26.67
CA ASN C 92 -21.49 3.72 -26.22
C ASN C 92 -20.89 2.82 -25.16
N MET C 93 -19.68 3.13 -24.69
CA MET C 93 -19.00 2.20 -23.79
C MET C 93 -19.57 2.30 -22.38
N GLU C 94 -19.49 1.19 -21.65
CA GLU C 94 -19.91 1.19 -20.26
C GLU C 94 -18.67 0.98 -19.34
N CYS C 95 -18.61 1.73 -18.23
CA CYS C 95 -17.58 1.46 -17.20
C CYS C 95 -17.93 0.16 -16.45
N ILE C 96 -17.09 -0.87 -16.54
CA ILE C 96 -17.44 -2.16 -15.92
C ILE C 96 -16.47 -2.59 -14.77
N ASP C 97 -15.39 -1.83 -14.55
CA ASP C 97 -14.49 -2.13 -13.42
C ASP C 97 -13.66 -0.90 -13.12
N VAL C 98 -13.55 -0.55 -11.83
CA VAL C 98 -12.58 0.43 -11.39
C VAL C 98 -11.79 -0.20 -10.24
N GLU C 99 -10.46 -0.31 -10.39
CA GLU C 99 -9.60 -0.93 -9.39
C GLU C 99 -8.56 0.04 -8.91
N TRP C 100 -8.04 -0.25 -7.73
CA TRP C 100 -7.39 0.80 -6.87
C TRP C 100 -5.95 0.46 -6.36
N PRO C 101 -4.93 0.55 -7.24
CA PRO C 101 -3.55 0.47 -6.69
C PRO C 101 -3.30 1.57 -5.65
N ARG C 102 -2.70 1.21 -4.52
CA ARG C 102 -2.11 2.20 -3.65
C ARG C 102 -0.80 2.53 -4.41
N ASP C 103 -0.65 3.77 -4.84
CA ASP C 103 0.55 4.10 -5.66
C ASP C 103 0.93 5.58 -5.59
N THR C 104 0.86 6.31 -6.70
CA THR C 104 1.42 7.65 -6.82
C THR C 104 2.96 7.66 -6.60
N LYS C 105 3.60 6.50 -6.84
CA LYS C 105 5.07 6.44 -6.94
C LYS C 105 5.75 6.99 -5.68
N GLY C 106 5.18 6.64 -4.54
CA GLY C 106 5.76 7.02 -3.23
C GLY C 106 4.95 8.13 -2.56
N GLY C 107 4.05 8.78 -3.32
CA GLY C 107 3.10 9.73 -2.72
C GLY C 107 1.99 9.02 -1.92
N GLY C 108 1.00 9.80 -1.44
CA GLY C 108 0.04 9.19 -0.52
C GLY C 108 -1.28 8.71 -1.14
N GLY C 109 -1.35 8.73 -2.46
CA GLY C 109 -2.61 8.39 -3.14
C GLY C 109 -2.72 7.06 -3.88
N HIS C 110 -3.68 7.02 -4.82
CA HIS C 110 -3.96 5.81 -5.59
C HIS C 110 -3.43 5.96 -7.01
N GLY C 111 -3.12 4.81 -7.62
CA GLY C 111 -3.16 4.77 -9.11
C GLY C 111 -4.56 4.32 -9.46
N CYS C 112 -4.72 3.84 -10.69
CA CYS C 112 -6.06 3.40 -11.11
C CYS C 112 -5.98 2.45 -12.28
N LEU C 113 -6.93 1.50 -12.28
CA LEU C 113 -7.15 0.65 -13.48
C LEU C 113 -8.64 0.82 -13.77
N ILE C 114 -8.98 1.27 -14.96
CA ILE C 114 -10.42 1.40 -15.41
C ILE C 114 -10.66 0.53 -16.64
N ILE C 115 -11.64 -0.37 -16.52
CA ILE C 115 -12.03 -1.25 -17.66
C ILE C 115 -13.39 -0.76 -18.11
N ILE C 116 -13.50 -0.51 -19.41
CA ILE C 116 -14.77 -0.17 -20.08
C ILE C 116 -15.13 -1.29 -21.07
N GLY C 117 -16.42 -1.54 -21.27
CA GLY C 117 -16.82 -2.67 -22.17
C GLY C 117 -17.84 -2.19 -23.19
N GLY C 118 -17.79 -2.81 -24.36
CA GLY C 118 -18.68 -2.49 -25.44
C GLY C 118 -18.57 -3.54 -26.52
N ASP C 119 -19.28 -3.24 -27.61
CA ASP C 119 -19.36 -4.17 -28.75
C ASP C 119 -18.43 -3.76 -29.89
N ASP C 120 -17.97 -2.52 -29.87
CA ASP C 120 -17.22 -1.99 -31.06
C ASP C 120 -15.85 -1.45 -30.70
N PRO C 121 -14.76 -2.11 -31.21
CA PRO C 121 -13.37 -1.68 -30.89
C PRO C 121 -13.17 -0.23 -31.25
N ALA C 122 -13.84 0.27 -32.29
CA ALA C 122 -13.59 1.70 -32.61
C ALA C 122 -14.22 2.61 -31.59
N ASP C 123 -15.39 2.20 -31.04
CA ASP C 123 -16.09 2.99 -30.01
C ASP C 123 -15.14 2.98 -28.76
N ALA C 124 -14.56 1.81 -28.44
CA ALA C 124 -13.63 1.71 -27.29
C ALA C 124 -12.42 2.62 -27.47
N ARG C 125 -11.83 2.58 -28.67
CA ARG C 125 -10.67 3.48 -28.94
C ARG C 125 -11.05 4.98 -28.76
N GLN C 126 -12.22 5.39 -29.24
CA GLN C 126 -12.66 6.80 -29.13
C GLN C 126 -12.79 7.15 -27.64
N ALA C 127 -13.30 6.23 -26.83
CA ALA C 127 -13.48 6.51 -25.40
C ALA C 127 -12.17 6.76 -24.73
N ILE C 128 -11.22 5.86 -25.03
CA ILE C 128 -9.85 5.97 -24.49
C ILE C 128 -9.16 7.26 -24.94
N ARG C 129 -9.32 7.62 -26.22
CA ARG C 129 -8.71 8.86 -26.70
C ARG C 129 -9.30 10.05 -25.98
N VAL C 130 -10.62 10.06 -25.87
CA VAL C 130 -11.25 11.19 -25.15
C VAL C 130 -10.76 11.25 -23.68
N ALA C 131 -10.57 10.09 -23.02
CA ALA C 131 -10.09 10.13 -21.65
C ALA C 131 -8.69 10.69 -21.58
N LEU C 132 -7.83 10.21 -22.46
CA LEU C 132 -6.44 10.69 -22.49
C LEU C 132 -6.42 12.19 -22.73
N ASP C 133 -7.30 12.68 -23.63
N ASP C 133 -7.30 12.65 -23.63
CA ASP C 133 -7.33 14.10 -24.00
CA ASP C 133 -7.35 14.06 -24.00
C ASP C 133 -7.97 14.98 -22.90
C ASP C 133 -7.75 14.93 -22.79
N ASN C 134 -8.51 14.33 -21.86
CA ASN C 134 -9.07 15.05 -20.69
C ASN C 134 -8.16 15.10 -19.47
N LEU C 135 -7.00 14.42 -19.52
CA LEU C 135 -6.10 14.40 -18.32
C LEU C 135 -5.56 15.74 -17.91
N HIS C 136 -5.18 16.59 -18.89
CA HIS C 136 -4.71 17.93 -18.54
C HIS C 136 -5.78 18.74 -17.82
N ARG C 137 -7.04 18.48 -18.09
CA ARG C 137 -8.09 19.22 -17.43
C ARG C 137 -8.34 18.63 -16.03
N THR C 138 -8.51 17.31 -15.93
CA THR C 138 -8.85 16.75 -14.62
C THR C 138 -7.73 16.67 -13.59
N PHE C 139 -6.50 16.99 -14.01
CA PHE C 139 -5.37 17.25 -13.06
C PHE C 139 -5.28 18.74 -12.72
N GLY C 140 -6.20 19.53 -13.27
CA GLY C 140 -6.21 20.97 -12.98
C GLY C 140 -6.30 21.37 -11.51
N ASP C 141 -7.03 20.58 -10.71
CA ASP C 141 -7.17 20.87 -9.30
C ASP C 141 -6.56 19.76 -8.47
N VAL C 142 -5.39 19.28 -8.94
CA VAL C 142 -4.57 18.38 -8.13
C VAL C 142 -3.42 19.27 -7.75
N TYR C 143 -3.19 19.42 -6.44
CA TYR C 143 -2.18 20.35 -5.90
C TYR C 143 -1.17 19.58 -5.12
N ASN C 144 0.10 19.62 -5.51
CA ASN C 144 1.13 18.79 -4.89
C ASN C 144 2.12 19.56 -4.05
N ALA C 145 2.59 18.92 -2.98
CA ALA C 145 3.69 19.49 -2.17
C ALA C 145 4.51 18.30 -1.64
N LYS C 146 5.61 18.63 -0.98
CA LYS C 146 6.50 17.60 -0.52
C LYS C 146 5.77 16.79 0.53
N ALA C 147 4.97 17.49 1.34
CA ALA C 147 4.25 16.81 2.46
C ALA C 147 2.99 16.05 2.07
N GLY C 148 2.41 16.36 0.91
CA GLY C 148 1.08 15.73 0.65
C GLY C 148 0.51 16.32 -0.60
N HIS C 149 -0.81 16.31 -0.72
CA HIS C 149 -1.43 16.80 -1.96
C HIS C 149 -2.91 16.98 -1.70
N LEU C 150 -3.58 17.74 -2.56
CA LEU C 150 -5.04 17.91 -2.51
C LEU C 150 -5.56 17.46 -3.84
N GLU C 151 -6.82 17.03 -3.89
CA GLU C 151 -7.46 16.76 -5.19
C GLU C 151 -8.93 17.19 -5.11
N LEU C 152 -9.38 18.02 -6.06
CA LEU C 152 -10.76 18.34 -6.15
C LEU C 152 -11.29 17.92 -7.53
N GLN C 153 -12.57 17.53 -7.58
CA GLN C 153 -13.22 17.29 -8.90
C GLN C 153 -14.61 17.85 -8.85
N PHE C 154 -15.14 18.21 -10.02
CA PHE C 154 -16.49 18.68 -10.13
C PHE C 154 -17.07 18.33 -11.49
N THR C 155 -18.35 17.93 -11.51
CA THR C 155 -19.10 17.87 -12.76
C THR C 155 -20.54 18.20 -12.41
N ALA C 156 -21.23 18.82 -13.34
CA ALA C 156 -22.66 19.13 -13.13
C ALA C 156 -23.51 17.88 -13.45
N ARG C 157 -22.95 16.92 -14.23
CA ARG C 157 -23.69 15.66 -14.49
C ARG C 157 -22.75 14.46 -14.51
N ALA C 158 -22.77 13.66 -13.44
CA ALA C 158 -21.84 12.50 -13.44
C ALA C 158 -22.33 11.45 -14.41
N ALA C 159 -21.37 10.70 -14.95
CA ALA C 159 -21.71 9.52 -15.82
C ALA C 159 -21.22 8.23 -15.18
N GLY C 160 -21.15 7.13 -15.94
CA GLY C 160 -20.96 5.80 -15.36
C GLY C 160 -19.62 5.51 -14.67
N ALA C 161 -18.56 6.22 -15.09
CA ALA C 161 -17.25 5.95 -14.50
C ALA C 161 -17.23 6.62 -13.12
N ALA C 162 -17.82 7.84 -13.03
CA ALA C 162 -17.84 8.51 -11.75
C ALA C 162 -18.73 7.73 -10.82
N HIS C 163 -19.79 7.07 -11.36
CA HIS C 163 -20.68 6.28 -10.53
C HIS C 163 -19.96 5.05 -10.00
N LEU C 164 -19.40 4.24 -10.93
CA LEU C 164 -18.87 2.96 -10.45
C LEU C 164 -17.59 3.21 -9.63
N GLY C 165 -16.81 4.19 -10.04
CA GLY C 165 -15.54 4.44 -9.42
C GLY C 165 -15.65 5.19 -8.11
N LEU C 166 -16.58 6.18 -8.04
CA LEU C 166 -16.56 7.17 -6.90
C LEU C 166 -17.87 7.26 -6.20
N GLY C 167 -18.85 6.52 -6.70
CA GLY C 167 -20.21 6.42 -6.07
C GLY C 167 -21.04 7.63 -6.40
N ALA C 168 -20.72 8.30 -7.48
CA ALA C 168 -21.49 9.44 -7.87
C ALA C 168 -22.88 9.02 -8.29
N VAL C 169 -23.84 9.93 -8.18
CA VAL C 169 -25.20 9.64 -8.69
C VAL C 169 -25.26 10.05 -10.16
N GLU C 170 -25.53 9.11 -11.05
CA GLU C 170 -25.54 9.42 -12.48
C GLU C 170 -26.60 10.50 -12.78
N GLY C 171 -26.26 11.42 -13.66
CA GLY C 171 -27.15 12.46 -14.09
C GLY C 171 -27.27 13.64 -13.13
N LYS C 172 -26.44 13.64 -12.07
CA LYS C 172 -26.56 14.69 -11.04
C LYS C 172 -25.18 15.26 -10.79
N ALA C 173 -25.14 16.45 -10.16
CA ALA C 173 -23.86 17.09 -9.95
C ALA C 173 -23.07 16.23 -8.92
N PHE C 174 -21.76 16.40 -8.94
CA PHE C 174 -20.89 15.56 -8.18
C PHE C 174 -19.65 16.40 -7.84
N GLY C 175 -19.24 16.32 -6.58
CA GLY C 175 -18.00 16.94 -6.13
C GLY C 175 -17.15 15.95 -5.37
N LEU C 176 -15.84 16.09 -5.51
N LEU C 176 -15.83 16.07 -5.52
CA LEU C 176 -14.89 15.23 -4.79
CA LEU C 176 -14.85 15.20 -4.85
C LEU C 176 -13.93 16.20 -4.10
C LEU C 176 -13.87 16.14 -4.13
N ILE C 177 -13.67 15.94 -2.82
CA ILE C 177 -12.84 16.89 -2.00
C ILE C 177 -11.89 16.04 -1.16
N CYS C 178 -10.61 16.04 -1.51
CA CYS C 178 -9.68 15.07 -0.97
C CYS C 178 -8.42 15.79 -0.48
N GLY C 179 -7.91 15.36 0.68
CA GLY C 179 -6.64 15.91 1.20
C GLY C 179 -5.75 14.82 1.74
N CYS C 180 -4.45 15.03 1.63
CA CYS C 180 -3.41 14.12 2.09
C CYS C 180 -2.27 15.01 2.70
N PRO C 181 -1.83 14.68 3.90
CA PRO C 181 -2.26 13.52 4.74
C PRO C 181 -3.72 13.68 5.17
N SER C 182 -4.35 12.52 5.46
CA SER C 182 -5.82 12.41 5.47
C SER C 182 -6.62 13.31 6.40
N GLY C 183 -6.07 13.70 7.54
CA GLY C 183 -6.71 14.63 8.45
C GLY C 183 -7.00 15.96 7.75
N ILE C 184 -6.18 16.38 6.79
CA ILE C 184 -6.53 17.61 6.05
C ILE C 184 -7.86 17.43 5.29
N GLY C 185 -8.08 16.24 4.69
CA GLY C 185 -9.40 15.94 4.06
C GLY C 185 -10.62 15.98 5.01
N VAL C 186 -10.47 15.55 6.29
CA VAL C 186 -11.54 15.69 7.21
C VAL C 186 -11.89 17.16 7.39
N VAL C 187 -10.87 18.00 7.63
CA VAL C 187 -11.21 19.43 7.78
C VAL C 187 -11.80 19.99 6.48
N MET C 188 -11.22 19.64 5.30
CA MET C 188 -11.76 20.17 4.05
C MET C 188 -13.23 19.77 3.92
N GLY C 189 -13.56 18.55 4.34
CA GLY C 189 -14.93 18.07 4.15
C GLY C 189 -15.88 18.80 5.13
N ASP C 190 -15.42 19.02 6.33
CA ASP C 190 -16.21 19.78 7.32
C ASP C 190 -16.51 21.17 6.74
N LYS C 191 -15.48 21.84 6.26
CA LYS C 191 -15.71 23.19 5.73
C LYS C 191 -16.68 23.18 4.56
N ALA C 192 -16.55 22.18 3.70
CA ALA C 192 -17.38 22.08 2.47
C ALA C 192 -18.84 21.97 2.85
N LEU C 193 -19.12 21.10 3.84
CA LEU C 193 -20.51 20.87 4.19
C LEU C 193 -21.13 22.11 4.81
N LYS C 194 -20.32 22.90 5.48
CA LYS C 194 -20.82 24.12 6.15
C LYS C 194 -20.85 25.34 5.18
N THR C 195 -20.56 25.12 3.90
CA THR C 195 -20.49 26.23 2.96
C THR C 195 -21.84 26.40 2.21
N ALA C 196 -22.48 25.27 1.95
CA ALA C 196 -23.73 25.26 1.16
C ALA C 196 -24.43 23.98 1.51
N GLY C 197 -25.71 23.86 1.16
CA GLY C 197 -26.57 22.72 1.54
C GLY C 197 -26.41 21.58 0.53
N VAL C 198 -25.38 20.78 0.70
CA VAL C 198 -25.08 19.74 -0.28
C VAL C 198 -25.22 18.44 0.46
N GLU C 199 -25.25 17.34 -0.28
CA GLU C 199 -25.57 16.08 0.31
C GLU C 199 -24.32 15.19 0.28
N PRO C 200 -23.84 14.75 1.44
CA PRO C 200 -22.66 13.87 1.37
C PRO C 200 -23.05 12.46 0.90
N LEU C 201 -22.22 11.90 0.01
CA LEU C 201 -22.39 10.54 -0.47
C LEU C 201 -21.50 9.63 0.37
N ASN C 202 -20.22 9.94 0.50
CA ASN C 202 -19.39 9.06 1.32
C ASN C 202 -18.18 9.87 1.85
N PHE C 203 -17.53 9.35 2.89
CA PHE C 203 -16.21 9.91 3.26
C PHE C 203 -15.27 8.71 3.36
N THR C 204 -14.25 8.66 2.54
CA THR C 204 -13.33 7.54 2.59
C THR C 204 -12.06 8.00 3.31
N SER C 205 -11.35 7.06 3.88
CA SER C 205 -10.23 7.36 4.76
C SER C 205 -9.23 6.16 4.72
N PRO C 206 -8.09 6.27 5.40
CA PRO C 206 -7.07 5.26 5.23
C PRO C 206 -7.54 3.87 5.53
N SER C 207 -8.41 3.70 6.53
CA SER C 207 -8.82 2.33 6.94
C SER C 207 -10.23 2.04 6.46
N HIS C 208 -10.81 2.94 5.67
CA HIS C 208 -12.20 2.70 5.19
C HIS C 208 -12.46 3.21 3.81
N GLY C 209 -12.50 2.30 2.85
CA GLY C 209 -12.88 2.67 1.50
C GLY C 209 -11.76 3.20 0.60
N THR C 210 -10.52 3.05 1.09
CA THR C 210 -9.36 3.32 0.21
C THR C 210 -8.40 2.15 0.25
N SER C 211 -7.34 2.25 -0.53
CA SER C 211 -6.38 1.14 -0.54
C SER C 211 -5.26 1.44 0.45
N PHE C 212 -5.67 1.79 1.67
CA PHE C 212 -4.74 2.23 2.72
C PHE C 212 -3.94 3.41 2.21
N SER C 213 -4.64 4.33 1.55
CA SER C 213 -4.05 5.56 1.11
C SER C 213 -3.95 6.54 2.32
N ASN C 214 -3.30 7.66 2.13
CA ASN C 214 -3.25 8.68 3.19
C ASN C 214 -4.14 9.86 2.77
N GLU C 215 -5.34 9.49 2.29
CA GLU C 215 -6.27 10.50 1.83
C GLU C 215 -7.55 10.45 2.64
N GLY C 216 -8.10 11.63 2.92
CA GLY C 216 -9.44 11.82 3.47
C GLY C 216 -10.24 12.47 2.35
N CYS C 217 -11.29 11.80 1.88
CA CYS C 217 -12.02 12.24 0.68
C CYS C 217 -13.54 12.26 0.95
N LEU C 218 -14.14 13.45 0.84
CA LEU C 218 -15.58 13.61 0.86
C LEU C 218 -16.14 13.65 -0.53
N THR C 219 -17.21 12.90 -0.79
CA THR C 219 -17.91 12.97 -2.11
C THR C 219 -19.32 13.56 -1.80
N ILE C 220 -19.79 14.42 -2.70
CA ILE C 220 -21.06 15.12 -2.48
C ILE C 220 -21.85 15.21 -3.77
N THR C 221 -23.15 15.43 -3.60
CA THR C 221 -24.05 15.74 -4.70
C THR C 221 -24.96 16.86 -4.18
N GLY C 222 -25.88 17.30 -5.02
CA GLY C 222 -26.78 18.40 -4.67
C GLY C 222 -26.85 19.28 -5.89
N ASP C 223 -27.40 20.46 -5.76
CA ASP C 223 -27.52 21.32 -6.93
C ASP C 223 -26.13 21.73 -7.42
N SER C 224 -25.95 21.85 -8.73
CA SER C 224 -24.61 22.09 -9.23
C SER C 224 -23.90 23.34 -8.66
N GLY C 225 -24.62 24.46 -8.51
CA GLY C 225 -23.95 25.67 -7.98
C GLY C 225 -23.46 25.48 -6.55
N ALA C 226 -24.30 24.86 -5.72
CA ALA C 226 -23.99 24.57 -4.29
C ALA C 226 -22.80 23.61 -4.20
N VAL C 227 -22.79 22.63 -5.09
CA VAL C 227 -21.70 21.65 -5.14
C VAL C 227 -20.36 22.33 -5.47
N ARG C 228 -20.31 23.23 -6.47
CA ARG C 228 -19.08 23.94 -6.83
C ARG C 228 -18.65 24.80 -5.62
N GLN C 229 -19.62 25.50 -5.01
CA GLN C 229 -19.32 26.37 -3.84
C GLN C 229 -18.57 25.51 -2.81
N ALA C 230 -19.10 24.33 -2.53
CA ALA C 230 -18.56 23.48 -1.48
C ALA C 230 -17.19 22.96 -1.86
N VAL C 231 -17.00 22.56 -3.11
CA VAL C 231 -15.68 22.07 -3.58
C VAL C 231 -14.66 23.15 -3.46
N MET C 232 -15.04 24.37 -3.86
CA MET C 232 -14.11 25.50 -3.82
C MET C 232 -13.71 25.86 -2.37
N ALA C 233 -14.68 25.82 -1.47
CA ALA C 233 -14.35 26.16 -0.09
C ALA C 233 -13.44 25.06 0.48
N GLY C 234 -13.70 23.80 0.12
CA GLY C 234 -12.84 22.68 0.55
C GLY C 234 -11.42 22.91 0.06
N ARG C 235 -11.26 23.32 -1.23
CA ARG C 235 -9.93 23.65 -1.81
C ARG C 235 -9.18 24.72 -1.02
N GLU C 236 -9.90 25.79 -0.70
CA GLU C 236 -9.25 26.92 -0.03
C GLU C 236 -8.70 26.52 1.33
N VAL C 237 -9.52 25.80 2.10
CA VAL C 237 -9.01 25.47 3.43
C VAL C 237 -7.89 24.43 3.30
N GLY C 238 -8.05 23.43 2.41
CA GLY C 238 -6.94 22.48 2.14
C GLY C 238 -5.63 23.14 1.75
N LEU C 239 -5.66 24.13 0.86
CA LEU C 239 -4.39 24.81 0.47
C LEU C 239 -3.75 25.48 1.70
N LYS C 240 -4.58 26.15 2.51
CA LYS C 240 -4.03 26.77 3.69
C LYS C 240 -3.39 25.77 4.66
N LEU C 241 -4.04 24.63 4.93
CA LEU C 241 -3.56 23.64 5.86
C LEU C 241 -2.29 22.97 5.28
N LEU C 242 -2.32 22.54 4.01
CA LEU C 242 -1.17 21.81 3.49
C LEU C 242 0.07 22.74 3.46
N SER C 243 -0.17 24.04 3.22
N SER C 243 -0.16 24.04 3.20
CA SER C 243 0.91 25.04 3.14
CA SER C 243 0.93 25.04 3.15
C SER C 243 1.59 25.32 4.47
C SER C 243 1.69 25.14 4.46
N GLN C 244 1.05 24.77 5.55
CA GLN C 244 1.68 24.95 6.89
C GLN C 244 2.96 24.12 6.99
N PHE C 245 3.13 23.13 6.11
CA PHE C 245 4.41 22.41 6.07
C PHE C 245 5.53 23.23 5.47
N GLY C 246 5.19 24.40 4.92
CA GLY C 246 6.24 25.28 4.38
C GLY C 246 6.31 25.45 2.87
N GLU C 247 5.51 24.72 2.11
CA GLU C 247 5.57 24.81 0.68
C GLU C 247 4.17 25.11 0.12
N GLU C 248 4.06 26.12 -0.76
CA GLU C 248 2.78 26.33 -1.45
C GLU C 248 2.46 25.10 -2.37
N PRO C 249 1.24 24.48 -2.22
CA PRO C 249 0.82 23.31 -3.06
C PRO C 249 0.62 23.83 -4.49
N VAL C 250 1.11 23.08 -5.46
CA VAL C 250 1.05 23.61 -6.84
C VAL C 250 0.37 22.65 -7.76
N ASN C 251 -0.48 23.21 -8.65
CA ASN C 251 -1.02 22.44 -9.79
C ASN C 251 -0.12 22.60 -11.02
N ASP C 252 -0.02 21.51 -11.78
CA ASP C 252 0.77 21.51 -12.98
C ASP C 252 -0.06 21.94 -14.21
N PHE C 253 -1.37 22.13 -14.04
CA PHE C 253 -2.26 22.50 -15.13
C PHE C 253 -3.23 23.48 -14.57
N PRO C 254 -3.76 24.41 -15.40
CA PRO C 254 -4.75 25.39 -14.88
C PRO C 254 -5.90 24.70 -14.19
N SER C 255 -6.33 25.30 -13.08
CA SER C 255 -7.54 24.91 -12.42
C SER C 255 -8.71 24.96 -13.37
N TYR C 256 -9.56 23.95 -13.28
CA TYR C 256 -10.80 23.91 -14.05
C TYR C 256 -12.07 24.24 -13.25
N ILE C 257 -11.95 24.33 -11.93
N ILE C 257 -11.93 24.25 -11.92
CA ILE C 257 -13.09 24.71 -11.11
CA ILE C 257 -13.05 24.54 -11.02
C ILE C 257 -12.98 26.22 -10.72
C ILE C 257 -12.96 26.02 -10.56
#